data_9K7D
#
_entry.id   9K7D
#
_cell.length_a   61.420
_cell.length_b   40.790
_cell.length_c   196.760
_cell.angle_alpha   90.00
_cell.angle_beta   95.99
_cell.angle_gamma   90.00
#
_symmetry.space_group_name_H-M   'P 1 2 1'
#
loop_
_entity.id
_entity.type
_entity.pdbx_description
1 polymer 'Glycoside hydrolase family 57 N-terminal domain-containing protein'
2 branched alpha-D-glucopyranose-(1-4)-alpha-D-glucopyranose-(1-4)-alpha-D-glucopyranose-(1-4)-alpha-D-glucopyranose-(1-4)-alpha-D-glucopyranose
3 branched alpha-D-glucopyranose-(1-4)-alpha-D-glucopyranose-(1-4)-alpha-D-glucopyranose-(1-4)-alpha-D-glucopyranose-(1-4)-alpha-D-glucopyranose-(1-4)-alpha-D-glucopyranose
4 water water
#
_entity_poly.entity_id   1
_entity_poly.type   'polypeptide(L)'
_entity_poly.pdbx_seq_one_letter_code
;MKKLFLVFWWHMHQPLYREPYTGEYLLPWTFFHAVKDYYDMPAYLKDFEIKLNFNLTPVLIDQIQEYAQGKAKDVFLEAI
RKDPDDLEKEEVEKLIEFTKLNYEKPIYRFERIRELMNKEKLNREELLDLQTLNLLAWCGRTLRKDLKDLLNKGRNYTQE
EKEYVLNKYFEIIKKTLSIYREIKEEGKGSVSTSPYYHPLIPILLNPNCVYETTPNVKIPDFAVSFREDASKHVELAKEK
YFEIFGEHPVYMWPPQASVSNEALELYYEKGINMLATDEVILKNSVERASPYLRYYFRELISVFFRDKTLSDLIGFSYHA
WNAEDAVRDFIGRLKKIHESVDFQPVVFVVLDGENCWEYYEENGIPFLEKLYSTLEKEEWIETLTLEEAMRKEDVKTEVI
ESVKAGTWFDGNFLKWIGNKEKNEYWKILIEAKKKAKNDYILVAEGSDWFWWQGEEKAPFVEVFDKLFRSFVRRAQE
;
_entity_poly.pdbx_strand_id   A,B
#
loop_
_chem_comp.id
_chem_comp.type
_chem_comp.name
_chem_comp.formula
GLC D-saccharide, alpha linking alpha-D-glucopyranose 'C6 H12 O6'
#
# COMPACT_ATOMS: atom_id res chain seq x y z
N LYS A 2 -3.47 7.62 -16.44
CA LYS A 2 -2.73 6.52 -17.05
C LYS A 2 -2.41 5.44 -16.04
N LYS A 3 -3.06 4.30 -16.19
CA LYS A 3 -2.92 3.20 -15.25
C LYS A 3 -1.99 2.13 -15.81
N LEU A 4 -1.41 1.37 -14.91
CA LEU A 4 -0.79 0.09 -15.22
C LEU A 4 -1.79 -1.01 -14.87
N PHE A 5 -2.09 -1.86 -15.84
CA PHE A 5 -3.04 -2.94 -15.64
C PHE A 5 -2.27 -4.19 -15.25
N LEU A 6 -2.51 -4.67 -14.05
CA LEU A 6 -1.78 -5.77 -13.46
C LEU A 6 -2.72 -6.97 -13.34
N VAL A 7 -2.33 -8.12 -13.88
CA VAL A 7 -3.19 -9.30 -13.92
C VAL A 7 -2.43 -10.47 -13.32
N PHE A 8 -2.79 -10.89 -12.10
CA PHE A 8 -2.27 -12.12 -11.51
C PHE A 8 -3.09 -13.30 -11.97
N TRP A 9 -2.41 -14.39 -12.34
CA TRP A 9 -3.08 -15.63 -12.74
C TRP A 9 -2.34 -16.78 -12.07
N TRP A 10 -2.89 -17.27 -10.97
CA TRP A 10 -2.28 -18.29 -10.13
C TRP A 10 -2.77 -19.66 -10.59
N HIS A 11 -1.87 -20.51 -11.07
CA HIS A 11 -2.21 -21.80 -11.66
C HIS A 11 -2.10 -22.91 -10.63
N MET A 12 -3.20 -23.64 -10.38
CA MET A 12 -3.28 -24.70 -9.38
C MET A 12 -3.47 -26.06 -10.07
N HIS A 13 -2.69 -27.05 -9.67
CA HIS A 13 -2.75 -28.34 -10.34
C HIS A 13 -2.16 -29.41 -9.43
N GLN A 14 -2.71 -30.63 -9.50
CA GLN A 14 -2.03 -31.86 -9.03
C GLN A 14 -2.41 -32.97 -10.00
N PRO A 15 -1.46 -33.82 -10.39
CA PRO A 15 -1.82 -35.03 -11.12
C PRO A 15 -2.59 -35.99 -10.20
N LEU A 16 -3.19 -37.00 -10.82
CA LEU A 16 -4.05 -37.91 -10.08
C LEU A 16 -3.20 -38.88 -9.24
N TYR A 17 -3.26 -38.73 -7.91
CA TYR A 17 -2.52 -39.60 -7.00
C TYR A 17 -3.28 -40.87 -6.62
N ARG A 18 -4.51 -41.03 -7.08
CA ARG A 18 -5.36 -42.15 -6.71
C ARG A 18 -5.06 -43.34 -7.62
N GLU A 19 -4.44 -44.36 -7.06
CA GLU A 19 -4.12 -45.56 -7.79
C GLU A 19 -5.40 -46.32 -8.08
N PRO A 20 -5.62 -46.79 -9.32
CA PRO A 20 -6.94 -47.26 -9.72
C PRO A 20 -7.29 -48.66 -9.26
N TYR A 21 -6.29 -49.48 -8.92
CA TYR A 21 -6.60 -50.82 -8.43
C TYR A 21 -6.85 -50.85 -6.92
N THR A 22 -6.11 -50.04 -6.15
CA THR A 22 -6.33 -49.98 -4.71
C THR A 22 -7.22 -48.84 -4.28
N GLY A 23 -7.40 -47.84 -5.13
CA GLY A 23 -8.17 -46.67 -4.74
C GLY A 23 -7.50 -45.78 -3.74
N GLU A 24 -6.22 -46.00 -3.44
CA GLU A 24 -5.50 -45.22 -2.44
C GLU A 24 -4.77 -44.05 -3.08
N TYR A 25 -4.80 -42.90 -2.41
CA TYR A 25 -3.95 -41.78 -2.77
C TYR A 25 -2.54 -42.08 -2.27
N LEU A 26 -1.60 -42.28 -3.19
CA LEU A 26 -0.27 -42.76 -2.83
C LEU A 26 0.68 -41.66 -2.40
N LEU A 27 0.39 -40.41 -2.73
CA LEU A 27 1.12 -39.27 -2.17
C LEU A 27 0.10 -38.31 -1.56
N PRO A 28 0.52 -37.51 -0.59
CA PRO A 28 -0.42 -36.60 0.10
C PRO A 28 -0.43 -35.17 -0.44
N TRP A 29 0.19 -34.92 -1.59
CA TRP A 29 0.46 -33.54 -2.00
C TRP A 29 -0.82 -32.75 -2.27
N THR A 30 -1.86 -33.41 -2.79
CA THR A 30 -3.13 -32.70 -2.96
C THR A 30 -3.69 -32.28 -1.60
N PHE A 31 -3.66 -33.19 -0.62
CA PHE A 31 -4.13 -32.82 0.71
C PHE A 31 -3.36 -31.63 1.26
N PHE A 32 -2.03 -31.68 1.17
CA PHE A 32 -1.24 -30.67 1.86
C PHE A 32 -1.34 -29.32 1.16
N HIS A 33 -1.39 -29.32 -0.18
CA HIS A 33 -1.58 -28.03 -0.86
C HIS A 33 -3.02 -27.54 -0.75
N ALA A 34 -3.99 -28.44 -0.55
CA ALA A 34 -5.34 -27.96 -0.29
C ALA A 34 -5.41 -27.21 1.04
N VAL A 35 -4.79 -27.76 2.10
CA VAL A 35 -4.92 -27.12 3.42
C VAL A 35 -4.02 -25.90 3.52
N LYS A 36 -2.94 -25.87 2.74
CA LYS A 36 -1.97 -24.77 2.81
C LYS A 36 -2.28 -23.67 1.80
N ASP A 37 -2.70 -24.02 0.57
CA ASP A 37 -2.73 -23.03 -0.50
C ASP A 37 -4.07 -22.90 -1.23
N TYR A 38 -4.78 -24.01 -1.48
CA TYR A 38 -5.87 -23.91 -2.44
C TYR A 38 -7.09 -23.16 -1.88
N TYR A 39 -7.35 -23.24 -0.58
CA TYR A 39 -8.36 -22.35 -0.01
C TYR A 39 -7.77 -20.97 0.24
N ASP A 40 -6.57 -20.93 0.78
CA ASP A 40 -6.02 -19.67 1.28
C ASP A 40 -5.66 -18.67 0.20
N MET A 41 -5.23 -19.14 -0.99
CA MET A 41 -4.83 -18.18 -2.02
C MET A 41 -6.01 -17.35 -2.50
N PRO A 42 -7.17 -17.93 -2.84
CA PRO A 42 -8.33 -17.05 -3.16
C PRO A 42 -8.91 -16.39 -1.92
N ALA A 43 -8.68 -16.92 -0.72
CA ALA A 43 -9.22 -16.30 0.50
C ALA A 43 -8.59 -14.95 0.82
N TYR A 44 -7.38 -14.67 0.29
CA TYR A 44 -6.83 -13.33 0.42
C TYR A 44 -7.81 -12.27 -0.08
N LEU A 45 -8.66 -12.63 -1.05
CA LEU A 45 -9.58 -11.65 -1.63
C LEU A 45 -10.66 -11.22 -0.64
N LYS A 46 -10.84 -11.94 0.46
CA LYS A 46 -11.77 -11.46 1.49
C LYS A 46 -11.22 -10.26 2.26
N ASP A 47 -9.90 -10.06 2.26
CA ASP A 47 -9.27 -9.04 3.09
C ASP A 47 -8.64 -7.92 2.29
N PHE A 48 -8.45 -8.11 0.99
CA PHE A 48 -7.74 -7.16 0.15
C PHE A 48 -8.60 -6.87 -1.08
N GLU A 49 -8.74 -5.58 -1.38
CA GLU A 49 -9.65 -5.10 -2.42
C GLU A 49 -8.89 -4.98 -3.74
N ILE A 50 -8.41 -6.13 -4.19
CA ILE A 50 -7.74 -6.29 -5.47
C ILE A 50 -8.44 -7.41 -6.23
N LYS A 51 -8.07 -7.57 -7.49
CA LYS A 51 -8.50 -8.69 -8.31
C LYS A 51 -7.36 -9.71 -8.38
N LEU A 52 -7.69 -10.99 -8.26
CA LEU A 52 -6.74 -12.07 -8.47
C LEU A 52 -7.44 -13.17 -9.24
N ASN A 53 -6.73 -13.82 -10.18
CA ASN A 53 -7.33 -14.85 -11.02
C ASN A 53 -6.68 -16.19 -10.76
N PHE A 54 -7.40 -17.26 -11.08
CA PHE A 54 -6.96 -18.61 -10.71
C PHE A 54 -7.24 -19.58 -11.84
N ASN A 55 -6.29 -20.50 -12.09
CA ASN A 55 -6.53 -21.66 -12.92
C ASN A 55 -6.68 -22.89 -12.02
N LEU A 56 -7.70 -23.69 -12.25
CA LEU A 56 -7.89 -24.97 -11.56
C LEU A 56 -7.95 -26.06 -12.62
N THR A 57 -7.02 -27.00 -12.57
CA THR A 57 -7.15 -28.11 -13.52
C THR A 57 -8.27 -29.05 -13.09
N PRO A 58 -8.95 -29.67 -14.04
CA PRO A 58 -10.07 -30.55 -13.66
C PRO A 58 -9.64 -31.74 -12.82
N VAL A 59 -8.46 -32.31 -13.06
CA VAL A 59 -8.03 -33.43 -12.23
C VAL A 59 -7.75 -32.98 -10.79
N LEU A 60 -7.29 -31.75 -10.59
CA LEU A 60 -7.21 -31.22 -9.22
C LEU A 60 -8.59 -31.09 -8.60
N ILE A 61 -9.55 -30.50 -9.33
CA ILE A 61 -10.92 -30.37 -8.80
C ILE A 61 -11.45 -31.74 -8.37
N ASP A 62 -11.20 -32.79 -9.18
CA ASP A 62 -11.71 -34.11 -8.85
C ASP A 62 -11.21 -34.56 -7.49
N GLN A 63 -9.93 -34.33 -7.22
CA GLN A 63 -9.33 -34.78 -5.98
C GLN A 63 -9.79 -33.92 -4.81
N ILE A 64 -9.90 -32.61 -5.00
CA ILE A 64 -10.43 -31.78 -3.92
C ILE A 64 -11.82 -32.27 -3.52
N GLN A 65 -12.65 -32.61 -4.50
CA GLN A 65 -13.98 -33.13 -4.21
C GLN A 65 -13.93 -34.42 -3.39
N GLU A 66 -13.02 -35.33 -3.73
CA GLU A 66 -12.95 -36.59 -2.99
C GLU A 66 -12.48 -36.37 -1.56
N TYR A 67 -11.49 -35.49 -1.35
CA TYR A 67 -11.08 -35.20 0.02
C TYR A 67 -12.22 -34.54 0.80
N ALA A 68 -12.89 -33.56 0.18
CA ALA A 68 -13.98 -32.86 0.88
C ALA A 68 -15.11 -33.80 1.25
N GLN A 69 -15.36 -34.81 0.41
CA GLN A 69 -16.46 -35.74 0.62
C GLN A 69 -16.07 -36.85 1.58
N GLY A 70 -14.81 -36.88 2.02
CA GLY A 70 -14.35 -37.92 2.91
C GLY A 70 -14.14 -39.26 2.27
N LYS A 71 -13.95 -39.34 0.95
CA LYS A 71 -13.73 -40.62 0.31
C LYS A 71 -12.28 -40.86 -0.12
N ALA A 72 -11.39 -39.90 0.05
CA ALA A 72 -9.99 -40.13 -0.32
C ALA A 72 -9.32 -40.98 0.76
N LYS A 73 -8.79 -42.14 0.35
CA LYS A 73 -7.99 -43.01 1.22
C LYS A 73 -6.52 -42.63 1.02
N ASP A 74 -6.01 -41.74 1.86
CA ASP A 74 -4.67 -41.17 1.73
C ASP A 74 -3.72 -41.93 2.66
N VAL A 75 -2.75 -42.66 2.09
CA VAL A 75 -1.99 -43.61 2.91
C VAL A 75 -1.03 -42.86 3.82
N PHE A 76 -0.46 -41.76 3.34
CA PHE A 76 0.41 -40.96 4.18
C PHE A 76 -0.38 -40.32 5.32
N LEU A 77 -1.56 -39.79 5.01
CA LEU A 77 -2.39 -39.17 6.05
C LEU A 77 -2.87 -40.19 7.08
N GLU A 78 -3.11 -41.44 6.67
CA GLU A 78 -3.47 -42.46 7.64
C GLU A 78 -2.37 -42.69 8.65
N ALA A 79 -1.11 -42.62 8.21
CA ALA A 79 0.01 -42.76 9.13
C ALA A 79 0.12 -41.56 10.07
N ILE A 80 -0.27 -40.37 9.62
CA ILE A 80 -0.30 -39.22 10.53
C ILE A 80 -1.39 -39.38 11.57
N ARG A 81 -2.57 -39.83 11.16
CA ARG A 81 -3.72 -39.89 12.06
C ARG A 81 -3.54 -40.92 13.18
N LYS A 82 -2.90 -42.05 12.90
CA LYS A 82 -2.83 -43.18 13.81
C LYS A 82 -2.16 -42.80 15.14
N ASP A 83 -2.59 -43.46 16.21
CA ASP A 83 -1.79 -43.47 17.43
C ASP A 83 -0.40 -44.01 17.11
N PRO A 84 0.67 -43.38 17.60
CA PRO A 84 2.02 -43.85 17.23
C PRO A 84 2.27 -45.31 17.59
N ASP A 85 1.60 -45.83 18.63
CA ASP A 85 1.76 -47.24 18.99
C ASP A 85 1.34 -48.17 17.87
N ASP A 86 0.50 -47.71 16.94
CA ASP A 86 0.00 -48.53 15.85
C ASP A 86 0.76 -48.32 14.55
N LEU A 87 1.80 -47.48 14.54
CA LEU A 87 2.55 -47.25 13.31
C LEU A 87 3.40 -48.46 12.93
N GLU A 88 3.34 -48.84 11.66
CA GLU A 88 4.30 -49.79 11.12
C GLU A 88 5.65 -49.10 10.96
N LYS A 89 6.73 -49.91 11.00
CA LYS A 89 8.05 -49.36 10.68
C LYS A 89 8.07 -48.65 9.33
N GLU A 90 7.42 -49.22 8.32
CA GLU A 90 7.41 -48.59 7.02
C GLU A 90 6.75 -47.22 7.06
N GLU A 91 5.71 -47.09 7.89
CA GLU A 91 5.05 -45.80 8.03
C GLU A 91 5.95 -44.80 8.76
N VAL A 92 6.73 -45.26 9.73
CA VAL A 92 7.67 -44.36 10.38
C VAL A 92 8.76 -43.92 9.39
N GLU A 93 9.27 -44.87 8.62
CA GLU A 93 10.30 -44.51 7.62
C GLU A 93 9.77 -43.49 6.62
N LYS A 94 8.53 -43.65 6.16
CA LYS A 94 7.97 -42.70 5.19
C LYS A 94 7.80 -41.32 5.81
N LEU A 95 7.38 -41.28 7.08
CA LEU A 95 7.24 -40.02 7.78
C LEU A 95 8.60 -39.33 7.99
N ILE A 96 9.63 -40.11 8.36
CA ILE A 96 10.98 -39.55 8.47
C ILE A 96 11.46 -39.04 7.12
N GLU A 97 11.23 -39.82 6.07
CA GLU A 97 11.72 -39.45 4.75
C GLU A 97 11.02 -38.19 4.26
N PHE A 98 9.72 -38.10 4.54
CA PHE A 98 8.95 -36.91 4.17
C PHE A 98 9.46 -35.69 4.91
N THR A 99 9.73 -35.84 6.22
CA THR A 99 10.32 -34.75 6.99
C THR A 99 11.66 -34.33 6.40
N LYS A 100 12.53 -35.30 6.10
CA LYS A 100 13.84 -34.95 5.55
C LYS A 100 13.73 -34.25 4.21
N LEU A 101 12.72 -34.60 3.41
CA LEU A 101 12.51 -33.96 2.13
C LEU A 101 12.24 -32.47 2.31
N ASN A 102 11.50 -32.12 3.35
CA ASN A 102 10.99 -30.76 3.55
C ASN A 102 11.74 -29.98 4.60
N TYR A 103 12.79 -30.60 5.17
CA TYR A 103 13.47 -30.15 6.39
C TYR A 103 13.99 -28.73 6.30
N GLU A 104 14.52 -28.33 5.15
CA GLU A 104 15.16 -27.03 5.03
C GLU A 104 14.20 -25.92 4.65
N LYS A 105 12.95 -26.24 4.34
CA LYS A 105 12.02 -25.18 3.97
C LYS A 105 11.60 -24.39 5.21
N PRO A 106 11.43 -23.08 5.09
CA PRO A 106 11.06 -22.28 6.27
C PRO A 106 9.77 -22.72 6.93
N ILE A 107 8.83 -23.35 6.22
CA ILE A 107 7.60 -23.79 6.88
C ILE A 107 7.85 -24.96 7.83
N TYR A 108 9.02 -25.60 7.74
CA TYR A 108 9.44 -26.64 8.66
C TYR A 108 10.38 -26.13 9.74
N ARG A 109 10.51 -24.81 9.88
CA ARG A 109 11.42 -24.22 10.88
C ARG A 109 10.81 -24.35 12.27
N PHE A 110 10.85 -25.57 12.80
CA PHE A 110 10.53 -25.84 14.18
C PHE A 110 11.76 -26.44 14.83
N GLU A 111 12.19 -25.86 15.95
CA GLU A 111 13.33 -26.43 16.66
C GLU A 111 13.11 -27.90 17.01
N ARG A 112 11.87 -28.28 17.29
CA ARG A 112 11.60 -29.67 17.65
C ARG A 112 11.83 -30.61 16.47
N ILE A 113 11.62 -30.15 15.24
CA ILE A 113 11.92 -31.01 14.10
C ILE A 113 13.42 -31.30 14.04
N ARG A 114 14.25 -30.29 14.32
CA ARG A 114 15.69 -30.50 14.36
C ARG A 114 16.05 -31.54 15.41
N GLU A 115 15.40 -31.48 16.58
CA GLU A 115 15.66 -32.45 17.62
C GLU A 115 15.29 -33.86 17.19
N LEU A 116 14.13 -34.02 16.56
CA LEU A 116 13.65 -35.34 16.21
C LEU A 116 14.53 -35.98 15.13
N MET A 117 14.98 -35.19 14.16
CA MET A 117 15.83 -35.76 13.11
C MET A 117 17.24 -36.09 13.60
N ASN A 118 17.63 -35.66 14.80
CA ASN A 118 18.92 -36.01 15.38
C ASN A 118 18.82 -37.10 16.43
N LYS A 119 17.70 -37.82 16.48
CA LYS A 119 17.49 -38.90 17.43
C LYS A 119 17.69 -40.24 16.73
N GLU A 120 18.44 -41.14 17.38
CA GLU A 120 18.62 -42.47 16.83
C GLU A 120 17.29 -43.24 16.83
N LYS A 121 16.49 -43.09 17.88
CA LYS A 121 15.24 -43.81 18.06
C LYS A 121 14.16 -42.86 18.56
N LEU A 122 12.94 -43.03 18.07
CA LEU A 122 11.82 -42.17 18.43
C LEU A 122 10.82 -42.93 19.31
N ASN A 123 10.46 -42.34 20.46
CA ASN A 123 9.45 -42.94 21.31
C ASN A 123 8.06 -42.43 20.90
N ARG A 124 7.04 -42.75 21.70
CA ARG A 124 5.67 -42.44 21.31
C ARG A 124 5.43 -40.93 21.31
N GLU A 125 5.94 -40.23 22.32
CA GLU A 125 5.69 -38.79 22.35
C GLU A 125 6.45 -38.07 21.25
N GLU A 126 7.63 -38.58 20.89
CA GLU A 126 8.39 -38.00 19.79
C GLU A 126 7.73 -38.28 18.44
N LEU A 127 7.16 -39.47 18.26
CA LEU A 127 6.45 -39.75 17.02
C LEU A 127 5.20 -38.89 16.90
N LEU A 128 4.50 -38.68 18.02
CA LEU A 128 3.33 -37.80 17.98
C LEU A 128 3.73 -36.40 17.55
N ASP A 129 4.88 -35.91 18.04
CA ASP A 129 5.34 -34.60 17.60
C ASP A 129 5.70 -34.62 16.12
N LEU A 130 6.34 -35.71 15.68
CA LEU A 130 6.70 -35.81 14.27
C LEU A 130 5.45 -35.76 13.40
N GLN A 131 4.42 -36.53 13.76
CA GLN A 131 3.17 -36.50 13.03
C GLN A 131 2.54 -35.11 13.03
N THR A 132 2.42 -34.52 14.22
CA THR A 132 1.66 -33.28 14.33
C THR A 132 2.42 -32.11 13.72
N LEU A 133 3.74 -32.07 13.87
CA LEU A 133 4.49 -30.98 13.27
C LEU A 133 4.52 -31.08 11.75
N ASN A 134 4.48 -32.28 11.19
CA ASN A 134 4.33 -32.38 9.75
C ASN A 134 3.01 -31.78 9.30
N LEU A 135 1.93 -32.06 10.04
CA LEU A 135 0.63 -31.42 9.75
C LEU A 135 0.72 -29.90 9.81
N LEU A 136 1.19 -29.40 10.94
CA LEU A 136 1.20 -27.96 11.21
C LEU A 136 2.16 -27.21 10.30
N ALA A 137 3.23 -27.85 9.85
CA ALA A 137 4.10 -27.19 8.86
C ALA A 137 3.32 -26.71 7.64
N TRP A 138 2.25 -27.44 7.26
CA TRP A 138 1.46 -27.10 6.08
C TRP A 138 0.26 -26.24 6.41
N CYS A 139 0.20 -25.63 7.60
CA CYS A 139 -0.95 -24.83 7.97
C CYS A 139 -1.05 -23.60 7.09
N GLY A 140 -2.28 -23.34 6.58
CA GLY A 140 -2.52 -22.15 5.81
C GLY A 140 -2.75 -20.89 6.64
N ARG A 141 -2.83 -19.77 5.93
CA ARG A 141 -2.99 -18.45 6.55
C ARG A 141 -4.20 -18.39 7.47
N THR A 142 -5.35 -18.91 7.01
CA THR A 142 -6.59 -18.79 7.80
C THR A 142 -6.46 -19.50 9.14
N LEU A 143 -6.01 -20.74 9.13
CA LEU A 143 -5.86 -21.47 10.38
C LEU A 143 -4.61 -21.10 11.16
N ARG A 144 -3.61 -20.50 10.51
CA ARG A 144 -2.46 -20.02 11.29
C ARG A 144 -2.91 -18.99 12.31
N LYS A 145 -3.92 -18.20 12.00
CA LYS A 145 -4.48 -17.34 13.03
C LYS A 145 -5.23 -18.14 14.07
N ASP A 146 -6.07 -19.08 13.63
CA ASP A 146 -6.95 -19.80 14.54
C ASP A 146 -6.21 -20.80 15.41
N LEU A 147 -5.15 -21.44 14.90
CA LEU A 147 -4.38 -22.45 15.64
C LEU A 147 -3.10 -21.88 16.25
N LYS A 148 -3.02 -20.55 16.38
CA LYS A 148 -1.82 -19.90 16.91
C LYS A 148 -1.31 -20.54 18.19
N ASP A 149 -2.24 -20.88 19.10
CA ASP A 149 -1.84 -21.48 20.38
C ASP A 149 -1.09 -22.78 20.13
N LEU A 150 -1.63 -23.66 19.29
CA LEU A 150 -0.98 -24.93 19.04
C LEU A 150 0.30 -24.77 18.23
N LEU A 151 0.35 -23.77 17.35
CA LEU A 151 1.52 -23.58 16.51
C LEU A 151 2.72 -23.11 17.33
N ASN A 152 2.49 -22.23 18.31
CA ASN A 152 3.56 -21.71 19.15
C ASN A 152 4.05 -22.71 20.17
N LYS A 153 3.24 -23.71 20.51
CA LYS A 153 3.67 -24.74 21.44
C LYS A 153 4.94 -25.44 20.91
N GLY A 154 4.93 -25.79 19.63
CA GLY A 154 6.09 -26.29 18.92
C GLY A 154 6.53 -27.70 19.27
N ARG A 155 5.87 -28.35 20.21
CA ARG A 155 6.35 -29.64 20.73
C ARG A 155 5.30 -30.15 21.70
N ASN A 156 5.48 -31.40 22.14
CA ASN A 156 4.63 -32.00 23.17
C ASN A 156 3.17 -32.06 22.76
N TYR A 157 2.90 -32.45 21.52
CA TYR A 157 1.53 -32.55 21.07
C TYR A 157 0.88 -33.85 21.55
N THR A 158 -0.42 -33.78 21.77
CA THR A 158 -1.21 -34.94 22.16
C THR A 158 -2.01 -35.44 20.96
N GLN A 159 -2.50 -36.67 21.09
CA GLN A 159 -3.36 -37.23 20.04
C GLN A 159 -4.62 -36.38 19.87
N GLU A 160 -5.16 -35.83 20.97
CA GLU A 160 -6.35 -34.99 20.84
C GLU A 160 -6.06 -33.74 20.05
N GLU A 161 -4.89 -33.13 20.27
CA GLU A 161 -4.56 -31.91 19.52
C GLU A 161 -4.34 -32.21 18.05
N LYS A 162 -3.63 -33.28 17.75
CA LYS A 162 -3.43 -33.69 16.37
C LYS A 162 -4.78 -33.87 15.66
N GLU A 163 -5.72 -34.57 16.30
CA GLU A 163 -7.05 -34.79 15.70
C GLU A 163 -7.82 -33.50 15.53
N TYR A 164 -7.66 -32.54 16.45
CA TYR A 164 -8.31 -31.25 16.32
C TYR A 164 -7.80 -30.53 15.07
N VAL A 165 -6.48 -30.53 14.87
CA VAL A 165 -5.89 -29.94 13.66
C VAL A 165 -6.43 -30.63 12.41
N LEU A 166 -6.46 -31.96 12.43
CA LEU A 166 -6.99 -32.70 11.27
C LEU A 166 -8.41 -32.28 10.95
N ASN A 167 -9.25 -32.13 11.98
CA ASN A 167 -10.62 -31.75 11.74
C ASN A 167 -10.71 -30.36 11.14
N LYS A 168 -9.93 -29.41 11.66
CA LYS A 168 -9.97 -28.07 11.09
C LYS A 168 -9.49 -28.07 9.64
N TYR A 169 -8.48 -28.90 9.34
CA TYR A 169 -7.97 -28.99 7.97
C TYR A 169 -9.03 -29.48 7.00
N PHE A 170 -9.83 -30.48 7.39
CA PHE A 170 -10.85 -30.95 6.48
C PHE A 170 -11.98 -29.95 6.32
N GLU A 171 -12.21 -29.11 7.34
CA GLU A 171 -13.20 -28.05 7.20
C GLU A 171 -12.76 -27.05 6.13
N ILE A 172 -11.46 -26.75 6.08
CA ILE A 172 -10.91 -25.87 5.05
C ILE A 172 -11.11 -26.49 3.68
N ILE A 173 -10.78 -27.78 3.55
CA ILE A 173 -10.96 -28.44 2.28
C ILE A 173 -12.42 -28.38 1.83
N LYS A 174 -13.35 -28.64 2.76
CA LYS A 174 -14.77 -28.63 2.39
C LYS A 174 -15.23 -27.27 1.87
N LYS A 175 -14.55 -26.19 2.24
CA LYS A 175 -14.94 -24.83 1.82
C LYS A 175 -14.21 -24.36 0.55
N THR A 176 -13.40 -25.21 -0.07
CA THR A 176 -12.43 -24.71 -1.05
C THR A 176 -13.07 -24.40 -2.42
N LEU A 177 -13.81 -25.35 -3.00
CA LEU A 177 -14.44 -25.03 -4.29
C LEU A 177 -15.44 -23.89 -4.16
N SER A 178 -16.06 -23.76 -2.98
CA SER A 178 -17.05 -22.70 -2.79
C SER A 178 -16.40 -21.32 -2.83
N ILE A 179 -15.18 -21.19 -2.27
CA ILE A 179 -14.58 -19.84 -2.27
C ILE A 179 -14.20 -19.43 -3.68
N TYR A 180 -13.79 -20.37 -4.53
CA TYR A 180 -13.52 -20.02 -5.92
C TYR A 180 -14.80 -19.57 -6.60
N ARG A 181 -15.90 -20.27 -6.36
CA ARG A 181 -17.17 -19.85 -6.93
C ARG A 181 -17.56 -18.47 -6.39
N GLU A 182 -17.36 -18.25 -5.08
CA GLU A 182 -17.72 -16.95 -4.51
C GLU A 182 -16.90 -15.82 -5.14
N ILE A 183 -15.58 -15.93 -5.15
CA ILE A 183 -14.81 -14.79 -5.67
C ILE A 183 -15.11 -14.57 -7.14
N LYS A 184 -15.46 -15.63 -7.89
CA LYS A 184 -15.88 -15.46 -9.27
C LYS A 184 -17.21 -14.71 -9.35
N GLU A 185 -18.21 -15.16 -8.59
CA GLU A 185 -19.52 -14.51 -8.63
C GLU A 185 -19.42 -13.05 -8.20
N GLU A 186 -18.55 -12.75 -7.24
CA GLU A 186 -18.46 -11.40 -6.71
C GLU A 186 -17.62 -10.48 -7.61
N GLY A 187 -17.04 -10.99 -8.69
CA GLY A 187 -16.21 -10.16 -9.56
C GLY A 187 -14.84 -9.87 -9.01
N LYS A 188 -14.41 -10.62 -7.99
CA LYS A 188 -13.08 -10.43 -7.42
C LYS A 188 -12.01 -11.15 -8.24
N GLY A 189 -12.38 -12.13 -9.05
CA GLY A 189 -11.43 -12.77 -9.93
C GLY A 189 -12.14 -13.60 -10.96
N SER A 190 -11.41 -13.95 -12.03
CA SER A 190 -11.90 -14.93 -12.98
C SER A 190 -11.27 -16.28 -12.66
N VAL A 191 -11.94 -17.36 -13.04
CA VAL A 191 -11.40 -18.70 -12.86
C VAL A 191 -11.30 -19.36 -14.24
N SER A 192 -10.14 -19.90 -14.55
CA SER A 192 -9.90 -20.63 -15.78
C SER A 192 -9.74 -22.11 -15.47
N THR A 193 -9.62 -22.91 -16.52
CA THR A 193 -9.22 -24.30 -16.34
C THR A 193 -8.24 -24.66 -17.45
N SER A 194 -7.76 -25.89 -17.42
CA SER A 194 -6.83 -26.43 -18.41
C SER A 194 -7.43 -27.71 -18.97
N PRO A 195 -6.97 -28.16 -20.15
CA PRO A 195 -7.30 -29.52 -20.62
C PRO A 195 -7.10 -30.52 -19.49
N TYR A 196 -7.98 -31.52 -19.45
CA TYR A 196 -8.39 -32.20 -18.20
C TYR A 196 -7.21 -32.66 -17.33
N TYR A 197 -6.31 -33.51 -17.86
CA TYR A 197 -5.23 -34.05 -17.04
C TYR A 197 -3.90 -33.30 -17.23
N HIS A 198 -3.96 -32.01 -17.64
CA HIS A 198 -2.75 -31.19 -17.81
C HIS A 198 -1.75 -31.80 -18.80
N PRO A 199 -2.18 -32.23 -20.01
CA PRO A 199 -1.24 -32.76 -21.01
C PRO A 199 -0.53 -31.63 -21.76
N LEU A 200 0.42 -32.04 -22.60
CA LEU A 200 1.08 -31.15 -23.57
C LEU A 200 0.30 -31.23 -24.89
N ILE A 201 -0.70 -30.36 -25.03
CA ILE A 201 -1.57 -30.39 -26.20
C ILE A 201 -0.79 -30.29 -27.52
N PRO A 202 0.24 -29.44 -27.66
CA PRO A 202 0.95 -29.41 -28.95
C PRO A 202 1.54 -30.77 -29.37
N ILE A 203 2.11 -31.53 -28.43
CA ILE A 203 2.66 -32.84 -28.80
C ILE A 203 1.55 -33.82 -29.18
N LEU A 204 0.43 -33.82 -28.44
CA LEU A 204 -0.66 -34.73 -28.77
C LEU A 204 -1.20 -34.44 -30.17
N LEU A 205 -1.28 -33.15 -30.53
CA LEU A 205 -1.74 -32.78 -31.86
C LEU A 205 -0.71 -33.15 -32.93
N ASN A 206 0.56 -32.88 -32.66
CA ASN A 206 1.58 -33.01 -33.70
C ASN A 206 2.94 -33.15 -33.02
N PRO A 207 3.38 -34.37 -32.74
CA PRO A 207 4.68 -34.55 -32.09
C PRO A 207 5.82 -33.91 -32.87
N ASN A 208 5.67 -33.68 -34.18
CA ASN A 208 6.77 -33.09 -34.92
C ASN A 208 6.99 -31.63 -34.57
N CYS A 209 6.08 -31.01 -33.80
CA CYS A 209 6.29 -29.61 -33.47
C CYS A 209 7.52 -29.40 -32.59
N VAL A 210 7.99 -30.45 -31.89
CA VAL A 210 9.17 -30.29 -31.03
C VAL A 210 10.37 -29.86 -31.86
N TYR A 211 10.36 -30.16 -33.15
CA TYR A 211 11.51 -29.83 -33.99
C TYR A 211 11.60 -28.34 -34.31
N GLU A 212 10.56 -27.57 -34.03
CA GLU A 212 10.63 -26.13 -34.27
C GLU A 212 11.62 -25.44 -33.31
N THR A 213 11.94 -26.05 -32.17
CA THR A 213 12.89 -25.49 -31.22
C THR A 213 14.09 -26.38 -30.95
N THR A 214 13.96 -27.72 -31.03
CA THR A 214 15.09 -28.63 -30.82
C THR A 214 15.22 -29.60 -31.99
N PRO A 215 15.80 -29.14 -33.11
CA PRO A 215 15.84 -30.00 -34.31
C PRO A 215 16.60 -31.31 -34.11
N ASN A 216 17.48 -31.40 -33.14
CA ASN A 216 18.33 -32.58 -32.97
C ASN A 216 17.71 -33.66 -32.10
N VAL A 217 16.54 -33.40 -31.51
CA VAL A 217 15.96 -34.30 -30.51
C VAL A 217 15.52 -35.61 -31.17
N LYS A 218 15.68 -36.71 -30.44
CA LYS A 218 15.14 -38.00 -30.85
C LYS A 218 13.79 -38.22 -30.16
N ILE A 219 12.78 -38.63 -30.93
CA ILE A 219 11.47 -38.97 -30.36
C ILE A 219 11.07 -40.36 -30.85
N PRO A 220 10.20 -41.03 -30.11
CA PRO A 220 9.75 -42.36 -30.54
C PRO A 220 8.86 -42.27 -31.77
N ASP A 221 8.58 -43.44 -32.32
CA ASP A 221 7.70 -43.61 -33.48
C ASP A 221 6.25 -43.46 -33.00
N PHE A 222 5.63 -42.32 -33.31
CA PHE A 222 4.25 -42.07 -32.90
C PHE A 222 3.30 -42.75 -33.89
N ALA A 223 3.22 -44.08 -33.78
CA ALA A 223 2.43 -44.94 -34.66
C ALA A 223 0.91 -44.83 -34.43
N VAL A 224 0.44 -43.98 -33.52
CA VAL A 224 -0.98 -43.80 -33.27
C VAL A 224 -1.25 -42.31 -33.13
N SER A 225 -2.47 -41.89 -33.49
CA SER A 225 -2.84 -40.48 -33.42
C SER A 225 -3.37 -40.15 -32.03
N PHE A 226 -2.88 -39.05 -31.46
CA PHE A 226 -3.41 -38.55 -30.20
C PHE A 226 -4.29 -37.31 -30.40
N ARG A 227 -4.65 -36.99 -31.67
CA ARG A 227 -5.37 -35.75 -31.95
C ARG A 227 -6.74 -35.75 -31.32
N GLU A 228 -7.47 -36.86 -31.41
CA GLU A 228 -8.79 -36.91 -30.78
C GLU A 228 -8.68 -36.86 -29.25
N ASP A 229 -7.62 -37.44 -28.67
CA ASP A 229 -7.48 -37.33 -27.23
C ASP A 229 -7.25 -35.88 -26.80
N ALA A 230 -6.47 -35.13 -27.59
CA ALA A 230 -6.26 -33.72 -27.27
C ALA A 230 -7.59 -32.98 -27.24
N SER A 231 -8.46 -33.26 -28.21
CA SER A 231 -9.78 -32.64 -28.22
C SER A 231 -10.56 -33.02 -26.97
N LYS A 232 -10.50 -34.31 -26.60
CA LYS A 232 -11.21 -34.81 -25.42
C LYS A 232 -10.70 -34.16 -24.14
N HIS A 233 -9.39 -33.95 -24.01
CA HIS A 233 -8.91 -33.24 -22.83
C HIS A 233 -9.60 -31.89 -22.72
N VAL A 234 -9.73 -31.17 -23.84
CA VAL A 234 -10.34 -29.84 -23.77
C VAL A 234 -11.83 -29.95 -23.51
N GLU A 235 -12.52 -30.86 -24.19
CA GLU A 235 -13.97 -30.96 -24.05
C GLU A 235 -14.39 -31.43 -22.65
N LEU A 236 -13.70 -32.45 -22.11
CA LEU A 236 -14.01 -32.88 -20.75
C LEU A 236 -13.72 -31.78 -19.73
N ALA A 237 -12.68 -30.97 -19.96
CA ALA A 237 -12.39 -29.86 -19.07
C ALA A 237 -13.54 -28.84 -19.08
N LYS A 238 -14.05 -28.52 -20.27
CA LYS A 238 -15.21 -27.63 -20.35
C LYS A 238 -16.38 -28.18 -19.54
N GLU A 239 -16.62 -29.49 -19.65
CA GLU A 239 -17.75 -30.10 -18.93
C GLU A 239 -17.57 -30.02 -17.42
N LYS A 240 -16.37 -30.34 -16.92
CA LYS A 240 -16.14 -30.26 -15.48
C LYS A 240 -16.23 -28.83 -15.00
N TYR A 241 -15.65 -27.89 -15.75
CA TYR A 241 -15.74 -26.48 -15.38
C TYR A 241 -17.19 -26.03 -15.33
N PHE A 242 -18.00 -26.47 -16.30
CA PHE A 242 -19.41 -26.13 -16.28
C PHE A 242 -20.11 -26.63 -15.02
N GLU A 243 -19.80 -27.86 -14.61
CA GLU A 243 -20.41 -28.40 -13.40
C GLU A 243 -20.14 -27.49 -12.21
N ILE A 244 -18.90 -27.02 -12.07
CA ILE A 244 -18.49 -26.33 -10.85
C ILE A 244 -18.88 -24.87 -10.88
N PHE A 245 -18.79 -24.24 -12.06
CA PHE A 245 -18.95 -22.79 -12.18
C PHE A 245 -20.10 -22.34 -13.08
N GLY A 246 -20.74 -23.23 -13.83
CA GLY A 246 -22.01 -22.88 -14.43
C GLY A 246 -21.94 -22.20 -15.77
N GLU A 247 -20.79 -22.23 -16.42
CA GLU A 247 -20.66 -21.72 -17.78
C GLU A 247 -19.55 -22.50 -18.42
N HIS A 248 -19.49 -22.48 -19.74
CA HIS A 248 -18.33 -23.03 -20.39
C HIS A 248 -17.16 -22.06 -20.22
N PRO A 249 -15.96 -22.57 -19.94
CA PRO A 249 -14.84 -21.66 -19.68
C PRO A 249 -14.45 -20.95 -20.97
N VAL A 250 -14.32 -19.62 -20.89
CA VAL A 250 -13.81 -18.86 -22.03
C VAL A 250 -12.33 -18.54 -21.87
N TYR A 251 -11.73 -18.78 -20.70
CA TYR A 251 -10.29 -18.66 -20.53
C TYR A 251 -9.72 -20.01 -20.14
N MET A 252 -8.56 -20.32 -20.70
CA MET A 252 -7.85 -21.54 -20.31
C MET A 252 -6.37 -21.22 -20.18
N TRP A 253 -5.73 -21.87 -19.20
CA TRP A 253 -4.30 -21.84 -19.08
C TRP A 253 -3.73 -23.06 -19.78
N PRO A 254 -2.94 -22.91 -20.84
CA PRO A 254 -2.34 -24.09 -21.48
C PRO A 254 -1.26 -24.67 -20.59
N PRO A 255 -1.28 -25.96 -20.28
CA PRO A 255 -0.28 -26.52 -19.38
C PRO A 255 1.15 -26.21 -19.82
N GLN A 256 1.97 -25.76 -18.87
CA GLN A 256 3.36 -25.38 -19.09
C GLN A 256 3.47 -24.21 -20.07
N ALA A 257 2.42 -23.39 -20.16
CA ALA A 257 2.34 -22.29 -21.13
C ALA A 257 2.44 -22.80 -22.58
N SER A 258 2.18 -24.09 -22.80
CA SER A 258 2.56 -24.72 -24.06
C SER A 258 1.54 -24.42 -25.14
N VAL A 259 2.02 -23.86 -26.25
CA VAL A 259 1.18 -23.50 -27.39
C VAL A 259 1.91 -23.92 -28.66
N SER A 260 1.15 -23.90 -29.75
CA SER A 260 1.59 -24.15 -31.11
C SER A 260 0.48 -23.62 -31.98
N ASN A 261 0.76 -23.47 -33.28
CA ASN A 261 -0.30 -23.03 -34.19
C ASN A 261 -1.50 -23.98 -34.10
N GLU A 262 -1.23 -25.29 -34.11
CA GLU A 262 -2.34 -26.24 -34.07
C GLU A 262 -3.07 -26.20 -32.74
N ALA A 263 -2.33 -26.07 -31.62
CA ALA A 263 -2.99 -25.99 -30.32
C ALA A 263 -3.86 -24.74 -30.21
N LEU A 264 -3.38 -23.58 -30.69
CA LEU A 264 -4.19 -22.38 -30.66
C LEU A 264 -5.45 -22.57 -31.50
N GLU A 265 -5.34 -23.25 -32.64
CA GLU A 265 -6.53 -23.55 -33.42
C GLU A 265 -7.52 -24.42 -32.65
N LEU A 266 -7.03 -25.45 -31.94
CA LEU A 266 -7.93 -26.30 -31.17
C LEU A 266 -8.64 -25.51 -30.07
N TYR A 267 -7.90 -24.73 -29.31
CA TYR A 267 -8.54 -23.89 -28.28
C TYR A 267 -9.62 -23.01 -28.89
N TYR A 268 -9.35 -22.42 -30.05
CA TYR A 268 -10.35 -21.59 -30.71
C TYR A 268 -11.57 -22.41 -31.11
N GLU A 269 -11.35 -23.57 -31.75
CA GLU A 269 -12.45 -24.43 -32.16
C GLU A 269 -13.30 -24.89 -30.98
N LYS A 270 -12.73 -24.98 -29.79
CA LYS A 270 -13.48 -25.41 -28.62
C LYS A 270 -14.08 -24.24 -27.86
N GLY A 271 -14.05 -23.03 -28.44
CA GLY A 271 -14.73 -21.89 -27.85
C GLY A 271 -13.93 -21.11 -26.83
N ILE A 272 -12.62 -21.34 -26.71
CA ILE A 272 -11.81 -20.56 -25.77
C ILE A 272 -11.54 -19.21 -26.41
N ASN A 273 -11.78 -18.12 -25.67
CA ASN A 273 -11.61 -16.79 -26.23
C ASN A 273 -10.27 -16.16 -25.89
N MET A 274 -9.59 -16.62 -24.83
N MET A 274 -9.59 -16.63 -24.84
CA MET A 274 -8.32 -16.02 -24.40
CA MET A 274 -8.34 -16.02 -24.41
C MET A 274 -7.50 -17.06 -23.65
C MET A 274 -7.49 -17.03 -23.63
N LEU A 275 -6.19 -17.00 -23.86
CA LEU A 275 -5.25 -17.75 -23.04
C LEU A 275 -4.01 -16.88 -22.82
N ALA A 276 -3.10 -17.36 -21.98
CA ALA A 276 -1.81 -16.70 -21.86
C ALA A 276 -0.71 -17.72 -22.15
N THR A 277 0.45 -17.21 -22.52
CA THR A 277 1.61 -18.10 -22.67
C THR A 277 2.83 -17.28 -22.31
N ASP A 278 4.02 -17.80 -22.64
CA ASP A 278 5.22 -17.21 -22.09
C ASP A 278 5.87 -16.24 -23.05
N GLU A 279 6.52 -15.24 -22.45
CA GLU A 279 7.25 -14.23 -23.21
C GLU A 279 8.27 -14.84 -24.17
N VAL A 280 8.87 -15.99 -23.82
CA VAL A 280 9.87 -16.59 -24.69
C VAL A 280 9.26 -16.99 -26.03
N ILE A 281 8.00 -17.42 -26.03
CA ILE A 281 7.35 -17.80 -27.28
C ILE A 281 7.13 -16.55 -28.13
N LEU A 282 6.73 -15.46 -27.48
CA LEU A 282 6.60 -14.18 -28.18
C LEU A 282 7.93 -13.78 -28.81
N LYS A 283 9.01 -13.79 -28.00
CA LYS A 283 10.33 -13.44 -28.51
C LYS A 283 10.79 -14.42 -29.59
N ASN A 284 10.41 -15.69 -29.48
CA ASN A 284 10.79 -16.69 -30.48
C ASN A 284 10.03 -16.50 -31.77
N SER A 285 8.89 -15.82 -31.74
CA SER A 285 7.96 -15.84 -32.87
C SER A 285 7.89 -14.53 -33.63
N VAL A 286 8.24 -13.41 -33.01
CA VAL A 286 8.10 -12.09 -33.59
C VAL A 286 9.25 -11.21 -33.10
N GLU A 287 9.95 -10.56 -34.04
CA GLU A 287 11.14 -9.79 -33.70
C GLU A 287 10.82 -8.63 -32.76
N ARG A 288 9.94 -7.73 -33.18
CA ARG A 288 9.56 -6.56 -32.41
C ARG A 288 8.20 -6.84 -31.76
N ALA A 289 8.19 -7.05 -30.45
CA ALA A 289 6.96 -7.46 -29.79
C ALA A 289 7.02 -7.05 -28.33
N SER A 290 6.14 -6.14 -27.94
CA SER A 290 6.01 -5.77 -26.55
C SER A 290 5.09 -6.76 -25.84
N PRO A 291 5.41 -7.19 -24.63
CA PRO A 291 4.50 -8.08 -23.90
C PRO A 291 3.34 -7.39 -23.22
N TYR A 292 3.18 -6.07 -23.40
CA TYR A 292 2.17 -5.29 -22.67
C TYR A 292 0.91 -5.07 -23.47
N LEU A 293 0.77 -5.74 -24.62
CA LEU A 293 -0.35 -5.62 -25.53
C LEU A 293 -1.23 -6.85 -25.42
N ARG A 294 -2.49 -6.71 -25.84
CA ARG A 294 -3.35 -7.86 -26.11
C ARG A 294 -3.13 -8.30 -27.56
N TYR A 295 -2.70 -9.54 -27.75
CA TYR A 295 -2.50 -10.09 -29.09
C TYR A 295 -3.71 -10.90 -29.53
N TYR A 296 -3.94 -10.91 -30.84
CA TYR A 296 -4.98 -11.72 -31.45
C TYR A 296 -4.29 -12.65 -32.43
N PHE A 297 -4.46 -13.94 -32.21
CA PHE A 297 -3.81 -14.93 -33.05
C PHE A 297 -4.74 -15.21 -34.21
N ARG A 298 -4.35 -14.76 -35.40
CA ARG A 298 -5.14 -14.96 -36.63
C ARG A 298 -6.57 -14.45 -36.46
N GLU A 299 -6.75 -13.48 -35.55
CA GLU A 299 -8.09 -12.93 -35.22
C GLU A 299 -9.08 -14.05 -34.84
N LEU A 300 -8.56 -15.14 -34.28
CA LEU A 300 -9.38 -16.25 -33.78
C LEU A 300 -9.51 -16.27 -32.26
N ILE A 301 -8.44 -15.89 -31.55
CA ILE A 301 -8.34 -16.09 -30.11
C ILE A 301 -7.36 -15.07 -29.57
N SER A 302 -7.65 -14.53 -28.40
CA SER A 302 -6.79 -13.54 -27.77
C SER A 302 -5.69 -14.25 -26.99
N VAL A 303 -4.51 -13.63 -26.97
CA VAL A 303 -3.35 -14.19 -26.28
C VAL A 303 -2.66 -13.06 -25.54
N PHE A 304 -2.34 -13.30 -24.27
CA PHE A 304 -1.44 -12.42 -23.54
C PHE A 304 -0.14 -13.17 -23.26
N PHE A 305 0.96 -12.45 -23.29
CA PHE A 305 2.27 -13.02 -22.97
C PHE A 305 2.67 -12.53 -21.59
N ARG A 306 2.98 -13.45 -20.69
CA ARG A 306 3.24 -13.07 -19.33
C ARG A 306 4.58 -12.34 -19.25
N ASP A 307 4.68 -11.49 -18.25
CA ASP A 307 5.92 -10.83 -17.90
C ASP A 307 6.74 -11.86 -17.12
N LYS A 308 7.70 -12.48 -17.81
CA LYS A 308 8.49 -13.55 -17.22
C LYS A 308 9.28 -13.06 -16.01
N THR A 309 9.88 -11.87 -16.11
CA THR A 309 10.72 -11.36 -15.03
C THR A 309 9.92 -11.22 -13.73
N LEU A 310 8.77 -10.55 -13.78
CA LEU A 310 7.96 -10.40 -12.57
C LEU A 310 7.48 -11.74 -12.04
N SER A 311 7.09 -12.65 -12.93
CA SER A 311 6.62 -13.95 -12.49
C SER A 311 7.73 -14.74 -11.82
N ASP A 312 8.95 -14.61 -12.32
CA ASP A 312 10.06 -15.36 -11.77
C ASP A 312 10.60 -14.71 -10.50
N LEU A 313 10.43 -13.40 -10.32
CA LEU A 313 10.77 -12.79 -9.04
C LEU A 313 10.01 -13.46 -7.89
N ILE A 314 8.70 -13.64 -8.07
CA ILE A 314 7.90 -14.29 -7.06
C ILE A 314 8.23 -15.78 -7.00
N GLY A 315 8.37 -16.42 -8.16
CA GLY A 315 8.62 -17.86 -8.17
C GLY A 315 9.97 -18.27 -7.62
N PHE A 316 11.01 -17.45 -7.80
CA PHE A 316 12.37 -17.89 -7.55
C PHE A 316 13.22 -16.97 -6.66
N SER A 317 12.96 -15.67 -6.65
CA SER A 317 13.81 -14.73 -5.93
C SER A 317 13.32 -14.43 -4.51
N TYR A 318 12.07 -13.96 -4.38
CA TYR A 318 11.65 -13.29 -3.15
C TYR A 318 11.59 -14.19 -1.92
N HIS A 319 11.54 -15.53 -2.08
CA HIS A 319 11.60 -16.39 -0.89
C HIS A 319 12.83 -16.10 -0.03
N ALA A 320 13.93 -15.67 -0.65
CA ALA A 320 15.17 -15.43 0.07
C ALA A 320 15.26 -14.03 0.65
N TRP A 321 14.25 -13.20 0.43
CA TRP A 321 14.28 -11.81 0.83
C TRP A 321 13.38 -11.60 2.03
N ASN A 322 13.62 -10.50 2.72
CA ASN A 322 12.65 -9.98 3.68
C ASN A 322 11.42 -9.46 2.94
N ALA A 323 10.25 -9.55 3.58
CA ALA A 323 9.01 -9.25 2.86
C ALA A 323 8.95 -7.81 2.36
N GLU A 324 9.40 -6.85 3.17
CA GLU A 324 9.27 -5.48 2.70
C GLU A 324 10.33 -5.14 1.64
N ASP A 325 11.55 -5.67 1.76
CA ASP A 325 12.52 -5.59 0.67
C ASP A 325 11.90 -6.06 -0.65
N ALA A 326 11.22 -7.21 -0.60
CA ALA A 326 10.70 -7.82 -1.82
C ALA A 326 9.56 -6.98 -2.40
N VAL A 327 8.62 -6.56 -1.55
CA VAL A 327 7.48 -5.78 -2.04
C VAL A 327 7.94 -4.43 -2.59
N ARG A 328 8.88 -3.76 -1.89
CA ARG A 328 9.38 -2.49 -2.42
C ARG A 328 10.01 -2.67 -3.80
N ASP A 329 10.73 -3.78 -3.97
CA ASP A 329 11.38 -4.08 -5.24
C ASP A 329 10.35 -4.31 -6.34
N PHE A 330 9.30 -5.09 -6.04
CA PHE A 330 8.25 -5.38 -7.01
C PHE A 330 7.51 -4.11 -7.41
N ILE A 331 7.10 -3.30 -6.43
CA ILE A 331 6.42 -2.06 -6.73
C ILE A 331 7.32 -1.15 -7.56
N GLY A 332 8.60 -1.08 -7.19
CA GLY A 332 9.55 -0.29 -7.94
C GLY A 332 9.64 -0.69 -9.39
N ARG A 333 9.68 -2.00 -9.65
CA ARG A 333 9.70 -2.49 -11.03
C ARG A 333 8.42 -2.12 -11.77
N LEU A 334 7.27 -2.24 -11.11
CA LEU A 334 6.02 -1.86 -11.74
C LEU A 334 6.00 -0.36 -12.05
N LYS A 335 6.59 0.44 -11.17
CA LYS A 335 6.64 1.87 -11.44
C LYS A 335 7.50 2.15 -12.66
N LYS A 336 8.60 1.42 -12.80
CA LYS A 336 9.46 1.62 -13.96
C LYS A 336 8.73 1.26 -15.24
N ILE A 337 7.92 0.19 -15.22
CA ILE A 337 7.09 -0.13 -16.38
C ILE A 337 6.09 0.99 -16.65
N HIS A 338 5.38 1.44 -15.59
CA HIS A 338 4.40 2.51 -15.72
C HIS A 338 5.01 3.76 -16.36
N GLU A 339 6.24 4.08 -15.98
CA GLU A 339 6.88 5.29 -16.49
C GLU A 339 7.58 5.07 -17.82
N SER A 340 7.69 3.84 -18.29
CA SER A 340 8.45 3.57 -19.50
C SER A 340 7.64 3.63 -20.77
N VAL A 341 6.30 3.64 -20.69
CA VAL A 341 5.46 3.73 -21.88
C VAL A 341 4.39 4.78 -21.66
N ASP A 342 3.86 5.29 -22.77
CA ASP A 342 2.82 6.32 -22.73
C ASP A 342 1.40 5.76 -22.84
N PHE A 343 1.24 4.49 -23.17
CA PHE A 343 -0.09 3.86 -23.18
C PHE A 343 -0.28 3.12 -21.86
N GLN A 344 -1.42 2.44 -21.72
CA GLN A 344 -1.66 1.67 -20.50
C GLN A 344 -1.27 0.23 -20.74
N PRO A 345 -0.16 -0.25 -20.14
CA PRO A 345 0.30 -1.62 -20.37
C PRO A 345 -0.51 -2.63 -19.59
N VAL A 346 -0.63 -3.83 -20.16
CA VAL A 346 -1.20 -4.97 -19.45
C VAL A 346 -0.04 -5.87 -19.05
N VAL A 347 0.06 -6.15 -17.76
CA VAL A 347 1.21 -6.85 -17.20
C VAL A 347 0.69 -8.14 -16.57
N PHE A 348 0.95 -9.28 -17.22
CA PHE A 348 0.49 -10.56 -16.72
C PHE A 348 1.56 -11.18 -15.84
N VAL A 349 1.19 -11.56 -14.62
CA VAL A 349 2.07 -12.30 -13.72
C VAL A 349 1.47 -13.68 -13.58
N VAL A 350 2.13 -14.69 -14.13
CA VAL A 350 1.56 -16.04 -14.19
C VAL A 350 2.61 -17.04 -13.73
N LEU A 351 2.25 -17.85 -12.72
CA LEU A 351 3.12 -18.92 -12.24
C LEU A 351 2.24 -19.91 -11.46
N ASP A 352 2.84 -21.00 -11.00
CA ASP A 352 2.09 -21.93 -10.16
C ASP A 352 1.64 -21.18 -8.92
N GLY A 353 0.43 -21.48 -8.48
CA GLY A 353 -0.09 -20.78 -7.32
C GLY A 353 0.20 -21.44 -5.99
N GLU A 354 0.81 -22.61 -5.95
CA GLU A 354 0.93 -23.31 -4.68
C GLU A 354 2.34 -23.81 -4.38
N ASN A 355 3.31 -23.61 -5.28
CA ASN A 355 4.59 -24.27 -5.10
C ASN A 355 5.71 -23.40 -4.53
N CYS A 356 5.57 -22.07 -4.55
CA CYS A 356 6.66 -21.20 -4.11
C CYS A 356 6.59 -20.80 -2.63
N TRP A 357 5.40 -20.85 -2.02
CA TRP A 357 5.21 -20.28 -0.68
C TRP A 357 5.93 -21.08 0.41
N GLU A 358 6.05 -22.40 0.24
CA GLU A 358 6.76 -23.22 1.22
C GLU A 358 8.20 -22.77 1.45
N TYR A 359 8.80 -22.06 0.48
CA TYR A 359 10.18 -21.58 0.59
C TYR A 359 10.29 -20.20 1.22
N TYR A 360 9.17 -19.53 1.40
CA TYR A 360 9.15 -18.22 2.06
C TYR A 360 8.97 -18.38 3.55
N GLU A 361 9.54 -17.43 4.29
CA GLU A 361 9.24 -17.29 5.71
C GLU A 361 7.73 -17.25 5.95
N GLU A 362 7.27 -18.09 6.87
CA GLU A 362 5.86 -18.13 7.27
C GLU A 362 4.96 -18.33 6.07
N ASN A 363 5.36 -19.22 5.18
CA ASN A 363 4.52 -19.63 4.04
C ASN A 363 4.16 -18.44 3.14
N GLY A 364 5.02 -17.44 3.09
CA GLY A 364 4.79 -16.27 2.25
C GLY A 364 3.69 -15.35 2.70
N ILE A 365 3.15 -15.55 3.90
CA ILE A 365 1.99 -14.76 4.34
C ILE A 365 2.43 -13.32 4.59
N PRO A 366 3.57 -13.06 5.24
CA PRO A 366 4.03 -11.66 5.34
C PRO A 366 4.24 -11.01 3.98
N PHE A 367 4.81 -11.76 3.02
CA PHE A 367 5.03 -11.20 1.70
C PHE A 367 3.72 -10.87 1.01
N LEU A 368 2.79 -11.84 0.93
CA LEU A 368 1.56 -11.60 0.19
C LEU A 368 0.67 -10.56 0.89
N GLU A 369 0.62 -10.56 2.23
CA GLU A 369 -0.19 -9.55 2.92
C GLU A 369 0.35 -8.16 2.63
N LYS A 370 1.67 -7.99 2.64
CA LYS A 370 2.25 -6.69 2.36
C LYS A 370 2.15 -6.33 0.88
N LEU A 371 2.35 -7.31 -0.01
CA LEU A 371 2.20 -7.05 -1.44
C LEU A 371 0.80 -6.59 -1.76
N TYR A 372 -0.20 -7.36 -1.32
CA TYR A 372 -1.58 -7.04 -1.65
C TYR A 372 -2.02 -5.74 -0.98
N SER A 373 -1.59 -5.51 0.27
CA SER A 373 -1.90 -4.25 0.93
C SER A 373 -1.30 -3.06 0.19
N THR A 374 -0.09 -3.22 -0.32
CA THR A 374 0.58 -2.10 -1.02
C THR A 374 0.00 -1.90 -2.41
N LEU A 375 -0.28 -3.00 -3.11
CA LEU A 375 -0.89 -2.90 -4.45
C LEU A 375 -2.21 -2.15 -4.39
N GLU A 376 -3.07 -2.52 -3.43
CA GLU A 376 -4.39 -1.93 -3.40
C GLU A 376 -4.38 -0.44 -3.08
N LYS A 377 -3.23 0.13 -2.71
CA LYS A 377 -3.14 1.54 -2.31
C LYS A 377 -2.41 2.40 -3.32
N GLU A 378 -1.97 1.84 -4.44
CA GLU A 378 -1.31 2.61 -5.49
C GLU A 378 -2.35 3.05 -6.50
N GLU A 379 -2.52 4.36 -6.68
CA GLU A 379 -3.61 4.80 -7.54
C GLU A 379 -3.29 4.54 -9.02
N TRP A 380 -2.01 4.37 -9.38
CA TRP A 380 -1.65 4.15 -10.78
C TRP A 380 -1.65 2.69 -11.20
N ILE A 381 -2.01 1.78 -10.28
CA ILE A 381 -2.15 0.35 -10.59
C ILE A 381 -3.62 -0.01 -10.49
N GLU A 382 -4.12 -0.74 -11.49
CA GLU A 382 -5.45 -1.32 -11.43
C GLU A 382 -5.29 -2.81 -11.69
N THR A 383 -5.55 -3.64 -10.67
CA THR A 383 -5.55 -5.07 -10.90
C THR A 383 -6.83 -5.45 -11.65
N LEU A 384 -6.74 -6.47 -12.51
CA LEU A 384 -7.85 -6.82 -13.39
C LEU A 384 -8.18 -8.30 -13.27
N THR A 385 -9.46 -8.62 -13.44
CA THR A 385 -9.85 -10.00 -13.73
C THR A 385 -9.46 -10.36 -15.17
N LEU A 386 -9.40 -11.67 -15.43
CA LEU A 386 -9.21 -12.11 -16.82
C LEU A 386 -10.28 -11.53 -17.73
N GLU A 387 -11.53 -11.49 -17.26
CA GLU A 387 -12.60 -10.91 -18.06
C GLU A 387 -12.32 -9.46 -18.39
N GLU A 388 -11.85 -8.68 -17.41
CA GLU A 388 -11.54 -7.28 -17.67
C GLU A 388 -10.36 -7.14 -18.63
N ALA A 389 -9.33 -7.97 -18.49
CA ALA A 389 -8.19 -7.86 -19.39
C ALA A 389 -8.60 -8.23 -20.81
N MET A 390 -9.54 -9.15 -20.96
CA MET A 390 -10.00 -9.57 -22.27
C MET A 390 -10.80 -8.47 -22.95
N ARG A 391 -11.61 -7.75 -22.19
CA ARG A 391 -12.59 -6.83 -22.74
C ARG A 391 -12.14 -5.36 -22.74
N LYS A 392 -11.11 -5.02 -21.96
CA LYS A 392 -10.68 -3.64 -21.78
C LYS A 392 -10.44 -2.95 -23.12
N GLU A 393 -11.04 -1.77 -23.31
CA GLU A 393 -10.90 -1.06 -24.57
C GLU A 393 -9.66 -0.18 -24.62
N ASP A 394 -9.26 0.41 -23.50
CA ASP A 394 -8.15 1.39 -23.51
C ASP A 394 -6.79 0.71 -23.40
N VAL A 395 -6.62 -0.37 -24.14
CA VAL A 395 -5.43 -1.22 -24.17
C VAL A 395 -4.94 -1.27 -25.61
N LYS A 396 -3.64 -1.54 -25.79
CA LYS A 396 -3.10 -1.64 -27.13
C LYS A 396 -3.08 -3.09 -27.58
N THR A 397 -3.13 -3.28 -28.89
CA THR A 397 -3.51 -4.56 -29.48
C THR A 397 -2.65 -4.85 -30.71
N GLU A 398 -2.47 -6.12 -31.02
CA GLU A 398 -1.65 -6.52 -32.17
C GLU A 398 -2.11 -7.88 -32.67
N VAL A 399 -1.95 -8.09 -33.97
CA VAL A 399 -2.28 -9.38 -34.59
C VAL A 399 -0.99 -10.17 -34.78
N ILE A 400 -1.04 -11.46 -34.47
CA ILE A 400 0.07 -12.36 -34.77
C ILE A 400 -0.49 -13.53 -35.56
N GLU A 401 0.29 -14.02 -36.51
CA GLU A 401 -0.19 -15.05 -37.42
C GLU A 401 0.47 -16.41 -37.21
N SER A 402 1.55 -16.51 -36.45
CA SER A 402 2.21 -17.80 -36.26
C SER A 402 3.06 -17.73 -34.99
N VAL A 403 3.09 -18.83 -34.23
CA VAL A 403 3.97 -18.92 -33.07
C VAL A 403 4.86 -20.14 -33.27
N LYS A 404 6.03 -20.10 -32.62
CA LYS A 404 6.90 -21.27 -32.60
C LYS A 404 6.53 -22.08 -31.37
N ALA A 405 6.22 -23.35 -31.59
CA ALA A 405 5.76 -24.22 -30.51
C ALA A 405 6.80 -24.28 -29.38
N GLY A 406 6.31 -24.25 -28.15
CA GLY A 406 7.23 -24.34 -27.03
C GLY A 406 6.49 -24.35 -25.70
N THR A 407 7.27 -24.20 -24.63
CA THR A 407 6.77 -24.15 -23.27
C THR A 407 7.51 -23.05 -22.52
N TRP A 408 7.09 -22.79 -21.28
CA TRP A 408 7.81 -21.80 -20.50
C TRP A 408 9.11 -22.35 -19.89
N PHE A 409 9.46 -23.61 -20.16
CA PHE A 409 10.73 -24.17 -19.70
C PHE A 409 11.68 -24.14 -20.90
N ASP A 410 12.57 -23.13 -20.93
CA ASP A 410 13.56 -22.93 -22.00
C ASP A 410 12.93 -22.79 -23.40
N GLY A 411 11.63 -22.50 -23.49
CA GLY A 411 10.95 -22.43 -24.78
C GLY A 411 10.80 -23.73 -25.54
N ASN A 412 11.09 -24.89 -24.92
CA ASN A 412 11.14 -26.15 -25.68
C ASN A 412 10.49 -27.26 -24.84
N PHE A 413 10.50 -28.48 -25.39
CA PHE A 413 9.80 -29.60 -24.78
C PHE A 413 10.73 -30.62 -24.12
N LEU A 414 12.01 -30.29 -23.94
CA LEU A 414 12.98 -31.29 -23.51
C LEU A 414 12.72 -31.81 -22.10
N LYS A 415 11.94 -31.09 -21.26
CA LYS A 415 11.64 -31.61 -19.93
C LYS A 415 10.64 -32.76 -19.96
N TRP A 416 9.98 -33.00 -21.08
CA TRP A 416 8.98 -34.05 -21.17
C TRP A 416 9.25 -35.09 -22.24
N ILE A 417 10.24 -34.88 -23.11
CA ILE A 417 10.52 -35.79 -24.22
C ILE A 417 11.96 -35.56 -24.66
N GLY A 418 12.58 -36.56 -25.27
CA GLY A 418 13.87 -36.40 -25.91
C GLY A 418 15.02 -37.19 -25.32
N ASN A 419 14.94 -37.68 -24.08
CA ASN A 419 16.00 -38.56 -23.63
C ASN A 419 15.47 -40.00 -23.54
N LYS A 420 16.38 -40.94 -23.29
CA LYS A 420 15.98 -42.34 -23.39
C LYS A 420 14.82 -42.66 -22.45
N GLU A 421 14.88 -42.17 -21.20
CA GLU A 421 13.89 -42.55 -20.19
C GLU A 421 12.54 -41.89 -20.44
N LYS A 422 12.54 -40.59 -20.77
CA LYS A 422 11.27 -39.95 -21.09
C LYS A 422 10.67 -40.51 -22.37
N ASN A 423 11.52 -40.82 -23.35
CA ASN A 423 11.03 -41.45 -24.59
C ASN A 423 10.41 -42.81 -24.32
N GLU A 424 10.97 -43.57 -23.38
CA GLU A 424 10.36 -44.86 -23.04
C GLU A 424 8.93 -44.67 -22.51
N TYR A 425 8.67 -43.61 -21.75
CA TYR A 425 7.30 -43.37 -21.31
C TYR A 425 6.39 -43.11 -22.50
N TRP A 426 6.85 -42.31 -23.48
CA TRP A 426 6.04 -42.08 -24.66
C TRP A 426 5.80 -43.38 -25.43
N LYS A 427 6.82 -44.25 -25.49
CA LYS A 427 6.67 -45.54 -26.16
C LYS A 427 5.62 -46.39 -25.47
N ILE A 428 5.65 -46.43 -24.14
CA ILE A 428 4.65 -47.17 -23.38
C ILE A 428 3.26 -46.62 -23.64
N LEU A 429 3.14 -45.29 -23.70
CA LEU A 429 1.86 -44.66 -23.95
C LEU A 429 1.36 -44.94 -25.36
N ILE A 430 2.27 -44.89 -26.34
CA ILE A 430 1.88 -45.16 -27.73
C ILE A 430 1.36 -46.58 -27.86
N GLU A 431 2.06 -47.55 -27.27
CA GLU A 431 1.62 -48.94 -27.38
C GLU A 431 0.32 -49.15 -26.62
N ALA A 432 0.20 -48.50 -25.45
CA ALA A 432 -1.02 -48.62 -24.66
C ALA A 432 -2.21 -48.00 -25.40
N LYS A 433 -1.98 -46.89 -26.09
CA LYS A 433 -3.05 -46.19 -26.79
C LYS A 433 -3.66 -47.06 -27.88
N LYS A 434 -2.85 -47.89 -28.55
CA LYS A 434 -3.41 -48.76 -29.58
C LYS A 434 -4.43 -49.73 -29.00
N LYS A 435 -4.35 -50.03 -27.71
CA LYS A 435 -5.24 -51.01 -27.09
C LYS A 435 -6.15 -50.40 -26.05
N ALA A 436 -6.22 -49.08 -25.98
CA ALA A 436 -6.90 -48.42 -24.87
C ALA A 436 -8.40 -48.63 -24.95
N LYS A 437 -9.02 -48.85 -23.78
CA LYS A 437 -10.45 -49.11 -23.72
C LYS A 437 -11.22 -48.08 -22.94
N ASN A 438 -10.57 -47.18 -22.21
CA ASN A 438 -11.25 -46.23 -21.35
C ASN A 438 -10.38 -44.98 -21.21
N ASP A 439 -10.91 -44.00 -20.47
CA ASP A 439 -10.30 -42.68 -20.28
C ASP A 439 -9.09 -42.69 -19.35
N TYR A 440 -8.69 -43.83 -18.78
CA TYR A 440 -7.43 -43.80 -18.06
C TYR A 440 -6.25 -43.56 -18.99
N ILE A 441 -6.42 -43.74 -20.29
CA ILE A 441 -5.37 -43.35 -21.22
C ILE A 441 -5.17 -41.84 -21.16
N LEU A 442 -6.24 -41.08 -20.90
CA LEU A 442 -6.12 -39.63 -20.77
C LEU A 442 -5.35 -39.26 -19.52
N VAL A 443 -5.61 -39.96 -18.41
CA VAL A 443 -4.85 -39.72 -17.18
C VAL A 443 -3.35 -39.90 -17.44
N ALA A 444 -3.00 -40.94 -18.21
CA ALA A 444 -1.60 -41.24 -18.49
C ALA A 444 -0.97 -40.19 -19.39
N GLU A 445 -1.76 -39.38 -20.09
CA GLU A 445 -1.21 -38.36 -20.96
C GLU A 445 -0.84 -37.08 -20.20
N GLY A 446 -1.09 -37.02 -18.89
CA GLY A 446 -0.70 -35.85 -18.11
C GLY A 446 0.80 -35.58 -18.20
N SER A 447 1.15 -34.29 -18.15
CA SER A 447 2.55 -33.92 -18.33
C SER A 447 3.42 -34.37 -17.16
N ASP A 448 2.82 -34.48 -15.97
CA ASP A 448 3.57 -34.72 -14.74
C ASP A 448 4.38 -36.00 -14.81
N TRP A 449 3.81 -37.06 -15.38
CA TRP A 449 4.53 -38.34 -15.41
C TRP A 449 5.84 -38.22 -16.17
N PHE A 450 5.83 -37.45 -17.26
CA PHE A 450 7.01 -37.29 -18.09
C PHE A 450 8.03 -36.34 -17.46
N TRP A 451 7.54 -35.34 -16.73
CA TRP A 451 8.40 -34.40 -16.02
C TRP A 451 9.35 -35.13 -15.07
N TRP A 452 8.81 -36.07 -14.26
CA TRP A 452 9.60 -36.74 -13.23
C TRP A 452 10.44 -37.87 -13.79
N GLN A 453 10.06 -38.43 -14.93
CA GLN A 453 10.79 -39.56 -15.49
C GLN A 453 12.16 -39.12 -16.03
N GLY A 454 13.15 -40.00 -15.90
CA GLY A 454 14.42 -39.73 -16.53
C GLY A 454 15.16 -38.56 -15.94
N GLU A 455 15.06 -38.37 -14.64
CA GLU A 455 15.86 -37.40 -13.91
C GLU A 455 16.76 -38.17 -12.95
N GLU A 456 17.59 -37.44 -12.21
CA GLU A 456 18.38 -38.08 -11.17
C GLU A 456 17.45 -38.52 -10.05
N LYS A 457 17.74 -39.67 -9.45
CA LYS A 457 16.85 -40.24 -8.44
C LYS A 457 16.61 -39.24 -7.32
N ALA A 458 15.37 -39.23 -6.83
CA ALA A 458 14.92 -38.31 -5.79
C ALA A 458 13.84 -39.03 -5.00
N PRO A 459 13.65 -38.69 -3.72
CA PRO A 459 12.65 -39.42 -2.94
C PRO A 459 11.25 -39.32 -3.54
N PHE A 460 10.49 -40.40 -3.39
CA PHE A 460 9.08 -40.51 -3.75
C PHE A 460 8.77 -40.49 -5.24
N VAL A 461 9.73 -40.20 -6.10
CA VAL A 461 9.40 -40.16 -7.52
C VAL A 461 9.12 -41.54 -8.08
N GLU A 462 9.56 -42.61 -7.42
CA GLU A 462 9.11 -43.93 -7.79
C GLU A 462 7.59 -44.05 -7.71
N VAL A 463 6.94 -43.24 -6.86
CA VAL A 463 5.48 -43.31 -6.78
C VAL A 463 4.85 -42.77 -8.06
N PHE A 464 5.40 -41.70 -8.62
CA PHE A 464 4.89 -41.20 -9.89
C PHE A 464 4.98 -42.27 -10.97
N ASP A 465 6.06 -43.05 -10.95
CA ASP A 465 6.23 -44.10 -11.93
C ASP A 465 5.20 -45.21 -11.71
N LYS A 466 4.93 -45.55 -10.45
CA LYS A 466 3.93 -46.59 -10.17
C LYS A 466 2.55 -46.13 -10.61
N LEU A 467 2.22 -44.86 -10.34
CA LEU A 467 0.94 -44.31 -10.80
C LEU A 467 0.81 -44.36 -12.31
N PHE A 468 1.81 -43.82 -13.03
CA PHE A 468 1.75 -43.78 -14.49
C PHE A 468 1.56 -45.18 -15.05
N ARG A 469 2.30 -46.14 -14.53
CA ARG A 469 2.25 -47.47 -15.13
C ARG A 469 0.94 -48.16 -14.78
N SER A 470 0.35 -47.81 -13.63
CA SER A 470 -0.95 -48.34 -13.25
C SER A 470 -2.04 -47.76 -14.13
N PHE A 471 -1.95 -46.45 -14.44
CA PHE A 471 -2.97 -45.88 -15.30
C PHE A 471 -2.89 -46.48 -16.70
N VAL A 472 -1.67 -46.70 -17.18
CA VAL A 472 -1.47 -47.31 -18.49
C VAL A 472 -2.07 -48.71 -18.53
N ARG A 473 -1.85 -49.50 -17.48
CA ARG A 473 -2.44 -50.84 -17.45
C ARG A 473 -3.95 -50.78 -17.37
N ARG A 474 -4.49 -49.92 -16.49
CA ARG A 474 -5.93 -49.84 -16.32
C ARG A 474 -6.63 -49.37 -17.59
N ALA A 475 -5.94 -48.55 -18.39
CA ALA A 475 -6.44 -48.03 -19.65
C ALA A 475 -6.72 -49.14 -20.67
N GLN A 476 -6.06 -50.27 -20.53
CA GLN A 476 -6.20 -51.36 -21.47
C GLN A 476 -7.17 -52.44 -20.99
N GLU A 477 -7.75 -52.28 -19.81
CA GLU A 477 -8.70 -53.29 -19.31
C GLU A 477 -10.14 -52.85 -19.47
N LYS B 2 16.87 -3.95 13.60
CA LYS B 2 16.65 -2.75 14.41
C LYS B 2 16.50 -1.50 13.55
N LYS B 3 15.27 -1.04 13.40
CA LYS B 3 14.95 0.12 12.58
C LYS B 3 14.84 1.37 13.44
N LEU B 4 14.96 2.52 12.78
CA LEU B 4 14.51 3.78 13.33
C LEU B 4 13.16 4.11 12.70
N PHE B 5 12.21 4.51 13.52
CA PHE B 5 10.89 4.91 13.04
C PHE B 5 10.82 6.42 12.98
N LEU B 6 10.43 6.93 11.82
CA LEU B 6 10.41 8.36 11.54
C LEU B 6 8.99 8.78 11.21
N VAL B 7 8.49 9.80 11.88
CA VAL B 7 7.11 10.24 11.74
C VAL B 7 7.13 11.74 11.44
N PHE B 8 6.74 12.12 10.21
CA PHE B 8 6.55 13.52 9.86
C PHE B 8 5.10 13.88 10.12
N TRP B 9 4.89 15.01 10.77
CA TRP B 9 3.52 15.50 11.01
C TRP B 9 3.54 16.99 10.66
N TRP B 10 2.98 17.31 9.50
CA TRP B 10 3.00 18.66 8.95
C TRP B 10 1.69 19.36 9.34
N HIS B 11 1.78 20.43 10.10
CA HIS B 11 0.59 21.11 10.63
C HIS B 11 0.18 22.29 9.74
N MET B 12 -1.04 22.25 9.23
CA MET B 12 -1.57 23.26 8.31
C MET B 12 -2.68 24.05 9.02
N HIS B 13 -2.57 25.38 9.03
CA HIS B 13 -3.55 26.20 9.72
C HIS B 13 -3.58 27.61 9.14
N GLN B 14 -4.78 28.23 9.09
CA GLN B 14 -4.94 29.71 8.93
C GLN B 14 -6.08 30.16 9.84
N PRO B 15 -5.91 31.24 10.59
CA PRO B 15 -7.06 31.84 11.28
C PRO B 15 -8.06 32.35 10.25
N LEU B 16 -9.27 32.64 10.72
CA LEU B 16 -10.35 33.06 9.82
C LEU B 16 -10.12 34.51 9.35
N TYR B 17 -9.80 34.69 8.07
CA TYR B 17 -9.57 36.01 7.49
C TYR B 17 -10.85 36.68 6.99
N ARG B 18 -11.98 35.99 7.09
CA ARG B 18 -13.25 36.47 6.55
C ARG B 18 -13.96 37.34 7.58
N GLU B 19 -14.02 38.65 7.30
CA GLU B 19 -14.68 39.58 8.20
C GLU B 19 -16.18 39.31 8.19
N PRO B 20 -16.82 39.21 9.36
CA PRO B 20 -18.21 38.72 9.39
C PRO B 20 -19.25 39.72 8.89
N TYR B 21 -18.96 41.01 8.88
CA TYR B 21 -19.96 41.97 8.40
C TYR B 21 -19.90 42.14 6.88
N THR B 22 -18.71 42.26 6.31
CA THR B 22 -18.57 42.41 4.88
C THR B 22 -18.46 41.08 4.16
N GLY B 23 -18.13 40.00 4.87
CA GLY B 23 -17.83 38.78 4.17
C GLY B 23 -16.51 38.77 3.43
N GLU B 24 -15.68 39.81 3.58
CA GLU B 24 -14.46 39.91 2.81
C GLU B 24 -13.29 39.24 3.51
N TYR B 25 -12.53 38.45 2.76
CA TYR B 25 -11.24 37.92 3.23
C TYR B 25 -10.25 39.08 3.21
N LEU B 26 -9.82 39.53 4.40
CA LEU B 26 -9.04 40.76 4.51
C LEU B 26 -7.54 40.55 4.31
N LEU B 27 -7.06 39.30 4.33
CA LEU B 27 -5.72 38.95 3.95
C LEU B 27 -5.77 37.74 3.04
N PRO B 28 -4.82 37.59 2.12
CA PRO B 28 -4.90 36.50 1.14
C PRO B 28 -4.11 35.26 1.53
N TRP B 29 -3.69 35.15 2.80
CA TRP B 29 -2.74 34.10 3.15
C TRP B 29 -3.29 32.69 2.92
N THR B 30 -4.60 32.48 3.13
CA THR B 30 -5.15 31.16 2.86
C THR B 30 -5.04 30.81 1.38
N PHE B 31 -5.35 31.77 0.50
CA PHE B 31 -5.22 31.53 -0.94
C PHE B 31 -3.77 31.20 -1.30
N PHE B 32 -2.83 32.00 -0.83
CA PHE B 32 -1.44 31.83 -1.25
C PHE B 32 -0.85 30.53 -0.74
N HIS B 33 -1.12 30.18 0.51
CA HIS B 33 -0.59 28.90 1.00
C HIS B 33 -1.35 27.71 0.43
N ALA B 34 -2.59 27.90 0.00
CA ALA B 34 -3.31 26.82 -0.68
C ALA B 34 -2.67 26.50 -2.02
N VAL B 35 -2.37 27.52 -2.83
CA VAL B 35 -1.80 27.24 -4.15
C VAL B 35 -0.34 26.81 -4.04
N LYS B 36 0.36 27.18 -2.97
CA LYS B 36 1.78 26.90 -2.85
C LYS B 36 2.06 25.63 -2.05
N ASP B 37 1.33 25.42 -0.94
CA ASP B 37 1.67 24.36 0.02
C ASP B 37 0.56 23.35 0.29
N TYR B 38 -0.71 23.76 0.43
CA TYR B 38 -1.68 22.83 1.00
C TYR B 38 -2.01 21.67 0.05
N TYR B 39 -1.98 21.89 -1.27
CA TYR B 39 -2.16 20.76 -2.18
C TYR B 39 -0.83 20.03 -2.39
N ASP B 40 0.24 20.79 -2.53
CA ASP B 40 1.50 20.20 -2.98
C ASP B 40 2.19 19.37 -1.88
N MET B 41 2.01 19.73 -0.60
CA MET B 41 2.72 18.97 0.43
C MET B 41 2.21 17.52 0.50
N PRO B 42 0.90 17.23 0.58
CA PRO B 42 0.47 15.83 0.44
C PRO B 42 0.71 15.25 -0.95
N ALA B 43 0.73 16.07 -2.00
CA ALA B 43 0.93 15.53 -3.34
C ALA B 43 2.31 14.90 -3.55
N TYR B 44 3.30 15.25 -2.71
CA TYR B 44 4.58 14.55 -2.78
C TYR B 44 4.40 13.05 -2.58
N LEU B 45 3.37 12.64 -1.84
CA LEU B 45 3.15 11.22 -1.60
C LEU B 45 2.79 10.47 -2.88
N LYS B 46 2.38 11.17 -3.94
CA LYS B 46 2.11 10.49 -5.20
C LYS B 46 3.39 10.05 -5.90
N ASP B 47 4.52 10.71 -5.62
CA ASP B 47 5.77 10.42 -6.31
C ASP B 47 6.80 9.71 -5.45
N PHE B 48 6.63 9.70 -4.14
CA PHE B 48 7.62 9.16 -3.20
C PHE B 48 6.97 8.15 -2.28
N GLU B 49 7.59 6.97 -2.17
CA GLU B 49 7.00 5.84 -1.47
C GLU B 49 7.39 5.86 0.02
N ILE B 50 6.88 6.88 0.70
CA ILE B 50 7.08 7.09 2.13
C ILE B 50 5.72 7.40 2.73
N LYS B 51 5.67 7.51 4.07
CA LYS B 51 4.48 7.97 4.77
C LYS B 51 4.70 9.39 5.25
N LEU B 52 3.68 10.24 5.09
CA LEU B 52 3.72 11.60 5.64
C LEU B 52 2.35 11.90 6.25
N ASN B 53 2.35 12.52 7.41
CA ASN B 53 1.10 12.84 8.11
C ASN B 53 0.84 14.34 8.10
N PHE B 54 -0.43 14.68 8.28
CA PHE B 54 -0.86 16.07 8.17
C PHE B 54 -1.88 16.39 9.24
N ASN B 55 -1.84 17.63 9.75
CA ASN B 55 -2.91 18.20 10.55
C ASN B 55 -3.60 19.27 9.72
N LEU B 56 -4.94 19.24 9.70
CA LEU B 56 -5.74 20.31 9.09
C LEU B 56 -6.65 20.89 10.16
N THR B 57 -6.49 22.17 10.48
CA THR B 57 -7.45 22.76 11.39
C THR B 57 -8.80 22.98 10.70
N PRO B 58 -9.89 22.85 11.45
CA PRO B 58 -11.21 22.99 10.82
C PRO B 58 -11.45 24.38 10.25
N VAL B 59 -10.92 25.43 10.87
CA VAL B 59 -11.09 26.78 10.32
C VAL B 59 -10.34 26.92 8.99
N LEU B 60 -9.17 26.29 8.85
CA LEU B 60 -8.54 26.24 7.53
C LEU B 60 -9.41 25.49 6.52
N ILE B 61 -9.96 24.34 6.91
CA ILE B 61 -10.82 23.58 6.01
C ILE B 61 -11.96 24.45 5.49
N ASP B 62 -12.59 25.20 6.39
CA ASP B 62 -13.74 26.03 6.00
C ASP B 62 -13.35 27.02 4.91
N GLN B 63 -12.15 27.58 5.02
CA GLN B 63 -11.72 28.60 4.07
C GLN B 63 -11.35 28.00 2.74
N ILE B 64 -10.68 26.85 2.76
CA ILE B 64 -10.40 26.15 1.49
C ILE B 64 -11.69 25.84 0.76
N GLN B 65 -12.70 25.34 1.49
CA GLN B 65 -13.99 25.05 0.84
C GLN B 65 -14.58 26.29 0.19
N GLU B 66 -14.45 27.46 0.85
CA GLU B 66 -15.06 28.68 0.29
C GLU B 66 -14.33 29.14 -0.97
N TYR B 67 -12.99 29.13 -0.96
CA TYR B 67 -12.25 29.46 -2.17
C TYR B 67 -12.57 28.48 -3.28
N ALA B 68 -12.65 27.18 -2.95
CA ALA B 68 -12.90 26.17 -3.97
C ALA B 68 -14.26 26.34 -4.62
N GLN B 69 -15.24 26.85 -3.89
CA GLN B 69 -16.56 27.07 -4.46
C GLN B 69 -16.68 28.41 -5.18
N GLY B 70 -15.60 29.19 -5.22
CA GLY B 70 -15.66 30.52 -5.79
C GLY B 70 -16.38 31.54 -4.94
N LYS B 71 -16.60 31.24 -3.66
CA LYS B 71 -17.37 32.11 -2.78
C LYS B 71 -16.50 33.17 -2.08
N ALA B 72 -15.20 32.98 -1.98
CA ALA B 72 -14.36 33.84 -1.16
C ALA B 72 -14.14 35.18 -1.88
N LYS B 73 -14.57 36.25 -1.22
CA LYS B 73 -14.31 37.61 -1.71
C LYS B 73 -13.01 38.09 -1.06
N ASP B 74 -11.91 37.94 -1.78
CA ASP B 74 -10.56 38.17 -1.24
C ASP B 74 -10.07 39.52 -1.77
N VAL B 75 -9.95 40.51 -0.88
CA VAL B 75 -9.75 41.88 -1.35
C VAL B 75 -8.41 42.02 -2.06
N PHE B 76 -7.36 41.40 -1.52
CA PHE B 76 -6.05 41.50 -2.15
C PHE B 76 -6.04 40.79 -3.49
N LEU B 77 -6.66 39.61 -3.56
CA LEU B 77 -6.75 38.89 -4.82
C LEU B 77 -7.48 39.72 -5.87
N GLU B 78 -8.54 40.44 -5.45
CA GLU B 78 -9.28 41.28 -6.38
C GLU B 78 -8.40 42.35 -7.01
N ALA B 79 -7.48 42.92 -6.23
CA ALA B 79 -6.55 43.89 -6.79
C ALA B 79 -5.57 43.24 -7.76
N ILE B 80 -5.20 41.99 -7.50
CA ILE B 80 -4.37 41.27 -8.47
C ILE B 80 -5.12 41.03 -9.77
N ARG B 81 -6.38 40.61 -9.67
CA ARG B 81 -7.10 40.20 -10.88
C ARG B 81 -7.38 41.38 -11.80
N LYS B 82 -7.75 42.53 -11.23
CA LYS B 82 -8.19 43.69 -12.01
C LYS B 82 -7.14 44.13 -13.01
N ASP B 83 -7.62 44.69 -14.14
CA ASP B 83 -6.74 45.43 -15.03
C ASP B 83 -6.08 46.56 -14.26
N PRO B 84 -4.75 46.74 -14.39
CA PRO B 84 -4.09 47.82 -13.63
C PRO B 84 -4.68 49.19 -13.87
N ASP B 85 -5.34 49.42 -15.00
CA ASP B 85 -5.98 50.71 -15.22
C ASP B 85 -7.09 50.98 -14.21
N ASP B 86 -7.59 49.93 -13.56
CA ASP B 86 -8.67 50.06 -12.58
C ASP B 86 -8.17 50.07 -11.14
N LEU B 87 -6.87 49.97 -10.90
CA LEU B 87 -6.35 49.94 -9.54
C LEU B 87 -6.47 51.30 -8.86
N GLU B 88 -7.04 51.31 -7.66
CA GLU B 88 -6.93 52.49 -6.81
C GLU B 88 -5.50 52.65 -6.29
N LYS B 89 -5.12 53.90 -5.98
CA LYS B 89 -3.82 54.13 -5.33
C LYS B 89 -3.64 53.24 -4.11
N GLU B 90 -4.69 53.10 -3.29
CA GLU B 90 -4.61 52.26 -2.10
C GLU B 90 -4.27 50.82 -2.47
N GLU B 91 -4.81 50.34 -3.57
CA GLU B 91 -4.55 48.97 -4.00
C GLU B 91 -3.12 48.82 -4.53
N VAL B 92 -2.62 49.81 -5.28
CA VAL B 92 -1.23 49.76 -5.73
C VAL B 92 -0.29 49.77 -4.54
N GLU B 93 -0.61 50.58 -3.52
CA GLU B 93 0.22 50.64 -2.33
C GLU B 93 0.28 49.28 -1.63
N LYS B 94 -0.88 48.65 -1.43
CA LYS B 94 -0.90 47.33 -0.79
C LYS B 94 -0.13 46.29 -1.59
N LEU B 95 -0.20 46.37 -2.92
CA LEU B 95 0.54 45.42 -3.76
C LEU B 95 2.04 45.62 -3.62
N ILE B 96 2.49 46.86 -3.58
CA ILE B 96 3.91 47.15 -3.39
C ILE B 96 4.34 46.74 -1.99
N GLU B 97 3.48 47.01 -0.99
CA GLU B 97 3.74 46.63 0.39
C GLU B 97 3.89 45.13 0.53
N PHE B 98 2.99 44.37 -0.09
CA PHE B 98 3.07 42.91 -0.06
C PHE B 98 4.34 42.42 -0.75
N THR B 99 4.71 43.06 -1.87
CA THR B 99 5.94 42.69 -2.55
C THR B 99 7.15 42.97 -1.65
N LYS B 100 7.17 44.11 -0.98
CA LYS B 100 8.30 44.48 -0.16
C LYS B 100 8.46 43.53 1.01
N LEU B 101 7.34 43.09 1.57
CA LEU B 101 7.34 42.17 2.71
C LEU B 101 7.96 40.82 2.35
N ASN B 102 7.81 40.36 1.11
CA ASN B 102 8.29 39.05 0.66
C ASN B 102 9.55 39.13 -0.19
N TYR B 103 10.08 40.33 -0.38
CA TYR B 103 11.06 40.62 -1.43
C TYR B 103 12.34 39.81 -1.26
N GLU B 104 12.78 39.58 -0.03
CA GLU B 104 14.03 38.86 0.19
C GLU B 104 13.89 37.35 0.14
N LYS B 105 12.69 36.84 0.04
CA LYS B 105 12.54 35.39 0.08
C LYS B 105 12.90 34.80 -1.29
N PRO B 106 13.56 33.64 -1.31
CA PRO B 106 13.97 33.05 -2.60
C PRO B 106 12.83 32.83 -3.58
N ILE B 107 11.59 32.60 -3.11
CA ILE B 107 10.50 32.42 -4.06
C ILE B 107 10.14 33.70 -4.81
N TYR B 108 10.65 34.85 -4.37
CA TYR B 108 10.49 36.13 -5.07
C TYR B 108 11.71 36.50 -5.90
N ARG B 109 12.64 35.58 -6.13
CA ARG B 109 13.87 35.91 -6.85
C ARG B 109 13.58 35.95 -8.35
N PHE B 110 12.98 37.06 -8.78
CA PHE B 110 12.79 37.38 -10.20
C PHE B 110 13.48 38.71 -10.45
N GLU B 111 14.29 38.78 -11.51
CA GLU B 111 14.95 40.03 -11.85
C GLU B 111 13.93 41.14 -12.06
N ARG B 112 12.79 40.82 -12.68
CA ARG B 112 11.80 41.84 -12.99
C ARG B 112 11.23 42.47 -11.73
N ILE B 113 11.12 41.69 -10.65
CA ILE B 113 10.67 42.25 -9.37
C ILE B 113 11.69 43.26 -8.85
N ARG B 114 12.99 42.94 -8.97
CA ARG B 114 14.01 43.89 -8.55
C ARG B 114 13.91 45.19 -9.32
N GLU B 115 13.67 45.10 -10.64
CA GLU B 115 13.53 46.31 -11.45
C GLU B 115 12.30 47.12 -11.04
N LEU B 116 11.19 46.43 -10.78
CA LEU B 116 9.93 47.12 -10.49
C LEU B 116 10.02 47.89 -9.18
N MET B 117 10.66 47.30 -8.18
CA MET B 117 10.76 47.92 -6.86
C MET B 117 11.75 49.07 -6.81
N ASN B 118 12.47 49.26 -7.89
CA ASN B 118 13.39 50.36 -7.98
C ASN B 118 12.78 51.58 -8.68
N LYS B 119 11.56 51.47 -9.16
CA LYS B 119 10.92 52.58 -9.85
C LYS B 119 10.04 53.51 -9.11
N GLU B 120 10.16 54.76 -9.47
CA GLU B 120 9.41 55.79 -8.85
C GLU B 120 7.95 55.56 -9.13
N LYS B 121 7.61 55.37 -10.39
CA LYS B 121 6.24 55.19 -10.77
C LYS B 121 6.12 54.02 -11.72
N LEU B 122 4.99 53.34 -11.65
CA LEU B 122 4.75 52.17 -12.47
C LEU B 122 3.65 52.36 -13.45
N ASN B 123 3.87 52.02 -14.69
CA ASN B 123 2.87 52.15 -15.73
C ASN B 123 2.02 50.87 -15.77
N ARG B 124 1.11 50.78 -16.75
CA ARG B 124 0.17 49.67 -16.76
C ARG B 124 0.88 48.34 -16.94
N GLU B 125 1.86 48.28 -17.84
CA GLU B 125 2.55 47.03 -18.11
C GLU B 125 3.41 46.63 -16.92
N GLU B 126 3.99 47.61 -16.23
CA GLU B 126 4.75 47.31 -15.03
C GLU B 126 3.85 46.76 -13.94
N LEU B 127 2.65 47.31 -13.82
CA LEU B 127 1.75 46.84 -12.78
C LEU B 127 1.25 45.43 -13.09
N LEU B 128 0.98 45.14 -14.38
CA LEU B 128 0.63 43.79 -14.79
C LEU B 128 1.72 42.80 -14.42
N ASP B 129 2.98 43.16 -14.63
CA ASP B 129 4.08 42.27 -14.24
C ASP B 129 4.13 42.13 -12.72
N LEU B 130 3.87 43.22 -11.99
CA LEU B 130 3.86 43.14 -10.53
C LEU B 130 2.75 42.22 -10.03
N GLN B 131 1.57 42.31 -10.63
CA GLN B 131 0.48 41.42 -10.21
C GLN B 131 0.82 39.98 -10.53
N THR B 132 1.31 39.72 -11.73
CA THR B 132 1.49 38.35 -12.19
C THR B 132 2.65 37.68 -11.47
N LEU B 133 3.74 38.42 -11.27
CA LEU B 133 4.90 37.82 -10.61
C LEU B 133 4.61 37.56 -9.14
N ASN B 134 3.80 38.40 -8.51
CA ASN B 134 3.34 38.07 -7.17
C ASN B 134 2.60 36.75 -7.16
N LEU B 135 1.74 36.50 -8.16
CA LEU B 135 1.10 35.19 -8.28
C LEU B 135 2.13 34.10 -8.51
N LEU B 136 3.01 34.30 -9.50
CA LEU B 136 3.93 33.23 -9.89
C LEU B 136 4.91 32.90 -8.77
N ALA B 137 5.20 33.87 -7.88
CA ALA B 137 6.13 33.62 -6.79
C ALA B 137 5.62 32.53 -5.87
N TRP B 138 4.30 32.38 -5.77
CA TRP B 138 3.67 31.40 -4.89
C TRP B 138 3.29 30.13 -5.66
N CYS B 139 3.86 29.91 -6.84
CA CYS B 139 3.56 28.69 -7.58
C CYS B 139 4.04 27.46 -6.81
N GLY B 140 3.17 26.46 -6.68
CA GLY B 140 3.58 25.22 -6.05
C GLY B 140 4.27 24.25 -7.02
N ARG B 141 4.75 23.15 -6.43
CA ARG B 141 5.54 22.18 -7.18
C ARG B 141 4.79 21.64 -8.40
N THR B 142 3.50 21.33 -8.24
CA THR B 142 2.77 20.66 -9.33
C THR B 142 2.64 21.57 -10.54
N LEU B 143 2.32 22.84 -10.31
CA LEU B 143 2.10 23.73 -11.43
C LEU B 143 3.40 24.32 -11.97
N ARG B 144 4.52 24.11 -11.28
CA ARG B 144 5.78 24.66 -11.77
C ARG B 144 6.21 24.05 -13.11
N LYS B 145 5.70 22.86 -13.46
CA LYS B 145 5.94 22.39 -14.81
C LYS B 145 4.89 22.90 -15.80
N ASP B 146 3.61 22.93 -15.42
CA ASP B 146 2.57 23.45 -16.32
C ASP B 146 2.83 24.90 -16.69
N LEU B 147 3.36 25.68 -15.75
CA LEU B 147 3.56 27.12 -15.95
C LEU B 147 5.02 27.48 -16.24
N LYS B 148 5.85 26.51 -16.64
CA LYS B 148 7.27 26.80 -16.83
C LYS B 148 7.48 27.87 -17.89
N ASP B 149 6.67 27.87 -18.94
CA ASP B 149 6.78 28.92 -19.96
C ASP B 149 6.58 30.30 -19.35
N LEU B 150 5.51 30.46 -18.57
CA LEU B 150 5.26 31.76 -17.94
C LEU B 150 6.35 32.10 -16.93
N LEU B 151 6.78 31.11 -16.14
CA LEU B 151 7.81 31.38 -15.13
C LEU B 151 9.09 31.86 -15.78
N ASN B 152 9.50 31.23 -16.88
CA ASN B 152 10.72 31.63 -17.56
C ASN B 152 10.54 32.90 -18.37
N LYS B 153 9.31 33.23 -18.79
CA LYS B 153 9.09 34.49 -19.48
C LYS B 153 9.62 35.66 -18.66
N GLY B 154 9.33 35.67 -17.37
CA GLY B 154 9.94 36.60 -16.43
C GLY B 154 9.38 38.01 -16.44
N ARG B 155 8.64 38.42 -17.47
CA ARG B 155 8.22 39.81 -17.59
C ARG B 155 7.26 39.95 -18.77
N ASN B 156 6.73 41.17 -18.93
CA ASN B 156 5.80 41.53 -20.02
C ASN B 156 4.62 40.57 -20.09
N TYR B 157 4.03 40.31 -18.93
CA TYR B 157 2.84 39.47 -18.83
C TYR B 157 1.61 40.23 -19.33
N THR B 158 0.63 39.49 -19.84
CA THR B 158 -0.62 40.05 -20.31
C THR B 158 -1.74 39.74 -19.31
N GLN B 159 -2.85 40.50 -19.45
CA GLN B 159 -4.01 40.23 -18.61
C GLN B 159 -4.52 38.81 -18.81
N GLU B 160 -4.56 38.33 -20.06
CA GLU B 160 -5.01 36.97 -20.30
C GLU B 160 -4.09 35.95 -19.64
N GLU B 161 -2.77 36.16 -19.68
CA GLU B 161 -1.87 35.20 -19.03
C GLU B 161 -2.06 35.21 -17.52
N LYS B 162 -2.26 36.39 -16.93
CA LYS B 162 -2.56 36.50 -15.50
C LYS B 162 -3.84 35.75 -15.15
N GLU B 163 -4.87 35.88 -15.98
CA GLU B 163 -6.10 35.14 -15.74
C GLU B 163 -5.90 33.65 -15.89
N TYR B 164 -4.99 33.25 -16.78
CA TYR B 164 -4.71 31.83 -16.94
C TYR B 164 -4.07 31.25 -15.68
N VAL B 165 -3.08 31.95 -15.13
CA VAL B 165 -2.47 31.53 -13.87
C VAL B 165 -3.54 31.39 -12.79
N LEU B 166 -4.42 32.39 -12.68
CA LEU B 166 -5.47 32.35 -11.64
C LEU B 166 -6.37 31.14 -11.80
N ASN B 167 -6.80 30.85 -13.04
CA ASN B 167 -7.64 29.69 -13.29
C ASN B 167 -6.93 28.40 -12.88
N LYS B 168 -5.66 28.28 -13.19
CA LYS B 168 -4.96 27.05 -12.79
C LYS B 168 -4.80 26.99 -11.28
N TYR B 169 -4.58 28.13 -10.62
CA TYR B 169 -4.49 28.13 -9.16
C TYR B 169 -5.81 27.70 -8.52
N PHE B 170 -6.93 28.16 -9.07
CA PHE B 170 -8.20 27.76 -8.49
C PHE B 170 -8.49 26.29 -8.77
N GLU B 171 -7.97 25.74 -9.88
CA GLU B 171 -8.07 24.30 -10.09
C GLU B 171 -7.37 23.54 -8.98
N ILE B 172 -6.19 24.02 -8.55
CA ILE B 172 -5.44 23.36 -7.48
C ILE B 172 -6.21 23.42 -6.16
N ILE B 173 -6.83 24.55 -5.88
CA ILE B 173 -7.60 24.68 -4.65
C ILE B 173 -8.78 23.73 -4.66
N LYS B 174 -9.46 23.60 -5.81
CA LYS B 174 -10.61 22.72 -5.92
C LYS B 174 -10.25 21.26 -5.72
N LYS B 175 -8.99 20.88 -5.93
CA LYS B 175 -8.53 19.51 -5.74
C LYS B 175 -7.88 19.28 -4.38
N THR B 176 -7.82 20.29 -3.52
CA THR B 176 -6.97 20.20 -2.34
C THR B 176 -7.54 19.25 -1.29
N LEU B 177 -8.81 19.40 -0.93
CA LEU B 177 -9.34 18.50 0.10
C LEU B 177 -9.41 17.06 -0.41
N SER B 178 -9.68 16.88 -1.70
CA SER B 178 -9.67 15.54 -2.30
C SER B 178 -8.33 14.85 -2.12
N ILE B 179 -7.22 15.59 -2.21
CA ILE B 179 -5.96 14.86 -2.15
C ILE B 179 -5.66 14.41 -0.73
N TYR B 180 -6.13 15.15 0.29
CA TYR B 180 -6.01 14.68 1.66
C TYR B 180 -6.86 13.43 1.88
N ARG B 181 -8.09 13.43 1.32
CA ARG B 181 -8.93 12.23 1.38
C ARG B 181 -8.20 11.05 0.77
N GLU B 182 -7.58 11.26 -0.38
CA GLU B 182 -6.93 10.17 -1.10
C GLU B 182 -5.75 9.60 -0.34
N ILE B 183 -4.87 10.46 0.18
CA ILE B 183 -3.68 9.88 0.81
C ILE B 183 -4.06 9.18 2.11
N LYS B 184 -5.13 9.65 2.76
CA LYS B 184 -5.65 8.95 3.93
C LYS B 184 -6.25 7.61 3.54
N GLU B 185 -7.12 7.61 2.53
CA GLU B 185 -7.75 6.35 2.13
C GLU B 185 -6.72 5.35 1.64
N GLU B 186 -5.60 5.82 1.09
CA GLU B 186 -4.57 4.93 0.59
C GLU B 186 -3.53 4.58 1.63
N GLY B 187 -3.71 5.00 2.88
CA GLY B 187 -2.71 4.63 3.88
C GLY B 187 -1.35 5.24 3.66
N LYS B 188 -1.26 6.28 2.82
CA LYS B 188 0.00 7.00 2.63
C LYS B 188 0.26 7.98 3.75
N GLY B 189 -0.77 8.38 4.49
CA GLY B 189 -0.60 9.23 5.65
C GLY B 189 -1.83 9.19 6.51
N SER B 190 -1.66 9.57 7.78
CA SER B 190 -2.81 9.84 8.62
C SER B 190 -3.12 11.33 8.56
N VAL B 191 -4.39 11.68 8.78
CA VAL B 191 -4.77 13.09 8.86
C VAL B 191 -5.42 13.34 10.24
N SER B 192 -4.93 14.35 10.94
CA SER B 192 -5.43 14.74 12.24
C SER B 192 -6.15 16.06 12.11
N THR B 193 -6.76 16.52 13.21
CA THR B 193 -7.24 17.90 13.25
C THR B 193 -6.93 18.49 14.62
N SER B 194 -7.32 19.74 14.79
CA SER B 194 -7.13 20.50 16.01
C SER B 194 -8.47 21.00 16.50
N PRO B 195 -8.59 21.36 17.78
CA PRO B 195 -9.77 22.11 18.22
C PRO B 195 -10.03 23.25 17.25
N TYR B 196 -11.33 23.56 17.04
CA TYR B 196 -11.80 24.14 15.78
C TYR B 196 -11.03 25.38 15.33
N TYR B 197 -10.90 26.40 16.20
CA TYR B 197 -10.28 27.66 15.81
C TYR B 197 -8.84 27.79 16.30
N HIS B 198 -8.21 26.66 16.59
CA HIS B 198 -6.81 26.64 17.02
C HIS B 198 -6.59 27.46 18.30
N PRO B 199 -7.39 27.24 19.36
CA PRO B 199 -7.18 27.97 20.61
C PRO B 199 -6.14 27.31 21.50
N LEU B 200 -5.79 28.01 22.59
CA LEU B 200 -4.95 27.45 23.65
C LEU B 200 -5.86 26.76 24.66
N ILE B 201 -6.14 25.49 24.42
CA ILE B 201 -7.06 24.73 25.27
C ILE B 201 -6.68 24.77 26.76
N PRO B 202 -5.39 24.60 27.16
CA PRO B 202 -5.08 24.64 28.60
C PRO B 202 -5.53 25.89 29.34
N ILE B 203 -5.43 27.08 28.72
CA ILE B 203 -5.86 28.32 29.34
C ILE B 203 -7.38 28.37 29.45
N LEU B 204 -8.08 27.96 28.40
CA LEU B 204 -9.55 27.94 28.43
C LEU B 204 -10.06 27.06 29.56
N LEU B 205 -9.39 25.91 29.79
CA LEU B 205 -9.80 25.02 30.87
C LEU B 205 -9.42 25.59 32.23
N ASN B 206 -8.26 26.21 32.32
CA ASN B 206 -7.73 26.63 33.62
C ASN B 206 -6.61 27.64 33.40
N PRO B 207 -6.93 28.94 33.45
CA PRO B 207 -5.89 29.95 33.22
C PRO B 207 -4.76 29.92 34.24
N ASN B 208 -5.00 29.38 35.44
CA ASN B 208 -3.96 29.28 36.46
C ASN B 208 -2.81 28.36 36.04
N CYS B 209 -2.99 27.56 34.97
CA CYS B 209 -1.89 26.71 34.51
C CYS B 209 -0.69 27.51 34.01
N VAL B 210 -0.86 28.80 33.68
CA VAL B 210 0.26 29.63 33.24
C VAL B 210 1.31 29.77 34.36
N TYR B 211 0.88 29.66 35.61
CA TYR B 211 1.81 29.77 36.73
C TYR B 211 2.73 28.56 36.86
N GLU B 212 2.44 27.47 36.16
CA GLU B 212 3.27 26.28 36.31
C GLU B 212 4.69 26.50 35.77
N THR B 213 4.83 27.29 34.70
CA THR B 213 6.14 27.57 34.11
C THR B 213 6.61 29.01 34.26
N THR B 214 5.70 29.98 34.43
CA THR B 214 6.04 31.37 34.64
C THR B 214 5.25 31.84 35.86
N PRO B 215 5.74 31.55 37.08
CA PRO B 215 4.96 31.87 38.28
C PRO B 215 4.82 33.34 38.58
N ASN B 216 5.66 34.21 38.01
CA ASN B 216 5.59 35.65 38.29
C ASN B 216 4.81 36.41 37.24
N VAL B 217 4.14 35.73 36.31
CA VAL B 217 3.38 36.39 35.27
C VAL B 217 2.16 37.08 35.90
N LYS B 218 1.74 38.18 35.28
CA LYS B 218 0.48 38.83 35.63
C LYS B 218 -0.51 38.56 34.51
N ILE B 219 -1.69 38.06 34.87
CA ILE B 219 -2.70 37.75 33.87
C ILE B 219 -4.02 38.38 34.27
N PRO B 220 -4.95 38.53 33.33
CA PRO B 220 -6.23 39.15 33.65
C PRO B 220 -7.05 38.29 34.61
N ASP B 221 -8.13 38.90 35.09
CA ASP B 221 -9.12 38.26 35.95
C ASP B 221 -10.11 37.51 35.07
N PHE B 222 -10.06 36.18 35.11
CA PHE B 222 -10.98 35.34 34.31
C PHE B 222 -12.27 35.11 35.11
N ALA B 223 -13.09 36.15 35.17
CA ALA B 223 -14.35 36.12 35.89
C ALA B 223 -15.45 35.39 35.14
N VAL B 224 -15.11 34.55 34.17
CA VAL B 224 -16.06 33.76 33.42
C VAL B 224 -15.37 32.47 33.00
N SER B 225 -16.14 31.39 32.88
CA SER B 225 -15.57 30.09 32.55
C SER B 225 -15.53 29.87 31.04
N PHE B 226 -14.39 29.40 30.55
CA PHE B 226 -14.23 29.00 29.16
C PHE B 226 -14.22 27.48 29.01
N ARG B 227 -14.58 26.72 30.05
CA ARG B 227 -14.39 25.27 29.97
C ARG B 227 -15.33 24.65 28.94
N GLU B 228 -16.58 25.13 28.86
CA GLU B 228 -17.50 24.57 27.89
C GLU B 228 -17.04 24.89 26.47
N ASP B 229 -16.51 26.10 26.24
CA ASP B 229 -16.00 26.41 24.91
C ASP B 229 -14.85 25.49 24.52
N ALA B 230 -13.99 25.14 25.49
CA ALA B 230 -12.89 24.24 25.16
C ALA B 230 -13.42 22.91 24.64
N SER B 231 -14.44 22.38 25.30
CA SER B 231 -15.09 21.15 24.83
C SER B 231 -15.74 21.36 23.47
N LYS B 232 -16.35 22.52 23.26
CA LYS B 232 -17.00 22.82 21.98
C LYS B 232 -16.01 22.86 20.83
N HIS B 233 -14.84 23.49 21.04
CA HIS B 233 -13.83 23.49 19.98
C HIS B 233 -13.50 22.06 19.56
N VAL B 234 -13.44 21.14 20.51
CA VAL B 234 -13.05 19.78 20.19
C VAL B 234 -14.19 19.04 19.50
N GLU B 235 -15.40 19.17 20.03
CA GLU B 235 -16.54 18.45 19.46
C GLU B 235 -16.87 18.97 18.06
N LEU B 236 -16.79 20.29 17.85
CA LEU B 236 -17.04 20.82 16.51
C LEU B 236 -15.96 20.37 15.52
N ALA B 237 -14.70 20.29 15.98
CA ALA B 237 -13.63 19.80 15.14
C ALA B 237 -13.90 18.36 14.72
N LYS B 238 -14.40 17.53 15.64
CA LYS B 238 -14.69 16.15 15.28
C LYS B 238 -15.77 16.09 14.21
N GLU B 239 -16.79 16.94 14.31
CA GLU B 239 -17.85 16.93 13.31
C GLU B 239 -17.35 17.39 11.95
N LYS B 240 -16.50 18.42 11.91
CA LYS B 240 -15.95 18.87 10.64
C LYS B 240 -15.03 17.81 10.03
N TYR B 241 -14.20 17.18 10.86
CA TYR B 241 -13.35 16.11 10.37
C TYR B 241 -14.19 15.00 9.78
N PHE B 242 -15.30 14.66 10.43
CA PHE B 242 -16.15 13.59 9.89
C PHE B 242 -16.74 14.00 8.54
N GLU B 243 -17.18 15.26 8.41
CA GLU B 243 -17.69 15.72 7.12
C GLU B 243 -16.71 15.38 6.00
N ILE B 244 -15.43 15.69 6.22
CA ILE B 244 -14.46 15.56 5.14
C ILE B 244 -14.05 14.11 4.96
N PHE B 245 -13.72 13.42 6.06
CA PHE B 245 -13.05 12.12 5.96
C PHE B 245 -13.94 10.92 6.29
N GLY B 246 -15.15 11.15 6.77
CA GLY B 246 -16.04 10.04 7.05
C GLY B 246 -15.68 9.18 8.26
N GLU B 247 -14.88 9.71 9.18
CA GLU B 247 -14.53 9.05 10.45
C GLU B 247 -14.44 10.11 11.53
N HIS B 248 -14.62 9.69 12.78
CA HIS B 248 -14.22 10.56 13.88
C HIS B 248 -12.69 10.57 13.99
N PRO B 249 -12.07 11.72 14.22
CA PRO B 249 -10.60 11.75 14.28
C PRO B 249 -10.14 11.15 15.59
N VAL B 250 -9.13 10.28 15.53
CA VAL B 250 -8.56 9.73 16.76
C VAL B 250 -7.19 10.29 17.06
N TYR B 251 -6.63 11.12 16.18
CA TYR B 251 -5.41 11.86 16.45
C TYR B 251 -5.74 13.33 16.39
N MET B 252 -5.19 14.09 17.33
CA MET B 252 -5.27 15.54 17.23
C MET B 252 -3.94 16.18 17.53
N TRP B 253 -3.69 17.30 16.84
CA TRP B 253 -2.54 18.13 17.10
C TRP B 253 -2.98 19.25 18.02
N PRO B 254 -2.44 19.33 19.23
CA PRO B 254 -2.83 20.43 20.14
C PRO B 254 -2.17 21.72 19.67
N PRO B 255 -2.94 22.80 19.49
CA PRO B 255 -2.37 24.02 18.93
C PRO B 255 -1.19 24.53 19.75
N GLN B 256 -0.12 24.95 19.04
CA GLN B 256 1.14 25.36 19.64
C GLN B 256 1.74 24.27 20.54
N ALA B 257 1.39 23.00 20.28
CA ALA B 257 1.81 21.86 21.11
C ALA B 257 1.31 21.99 22.54
N SER B 258 0.29 22.81 22.79
CA SER B 258 -0.05 23.19 24.16
C SER B 258 -0.80 22.07 24.87
N VAL B 259 -0.27 21.62 26.01
CA VAL B 259 -0.94 20.62 26.82
C VAL B 259 -0.87 21.02 28.29
N SER B 260 -1.66 20.33 29.09
CA SER B 260 -1.76 20.41 30.54
C SER B 260 -2.45 19.13 30.95
N ASN B 261 -2.36 18.79 32.23
CA ASN B 261 -3.05 17.60 32.72
C ASN B 261 -4.54 17.65 32.35
N GLU B 262 -5.15 18.82 32.53
CA GLU B 262 -6.59 18.95 32.26
C GLU B 262 -6.90 18.86 30.77
N ALA B 263 -6.07 19.45 29.91
CA ALA B 263 -6.28 19.35 28.47
C ALA B 263 -6.12 17.92 27.97
N LEU B 264 -5.13 17.18 28.50
CA LEU B 264 -4.97 15.79 28.10
C LEU B 264 -6.19 14.97 28.50
N GLU B 265 -6.76 15.22 29.68
CA GLU B 265 -7.99 14.53 30.08
C GLU B 265 -9.16 14.87 29.16
N LEU B 266 -9.26 16.13 28.72
CA LEU B 266 -10.31 16.50 27.77
C LEU B 266 -10.16 15.75 26.45
N TYR B 267 -8.94 15.74 25.89
CA TYR B 267 -8.74 15.02 24.62
C TYR B 267 -9.12 13.55 24.77
N TYR B 268 -8.68 12.91 25.86
CA TYR B 268 -9.07 11.54 26.11
C TYR B 268 -10.59 11.39 26.20
N GLU B 269 -11.25 12.29 26.94
CA GLU B 269 -12.70 12.17 27.10
C GLU B 269 -13.45 12.32 25.78
N LYS B 270 -12.89 13.09 24.85
CA LYS B 270 -13.49 13.28 23.53
C LYS B 270 -13.03 12.25 22.50
N GLY B 271 -12.38 11.17 22.92
CA GLY B 271 -12.09 10.07 22.04
C GLY B 271 -10.78 10.12 21.30
N ILE B 272 -9.88 11.05 21.65
CA ILE B 272 -8.56 11.12 21.03
C ILE B 272 -7.67 10.06 21.66
N ASN B 273 -7.05 9.23 20.82
CA ASN B 273 -6.19 8.15 21.26
C ASN B 273 -4.72 8.53 21.29
N MET B 274 -4.28 9.47 20.45
N MET B 274 -4.31 9.51 20.50
CA MET B 274 -2.90 9.90 20.47
CA MET B 274 -2.90 9.89 20.43
C MET B 274 -2.81 11.37 20.07
C MET B 274 -2.77 11.35 20.03
N LEU B 275 -1.85 12.06 20.68
CA LEU B 275 -1.47 13.40 20.27
C LEU B 275 0.04 13.49 20.38
N ALA B 276 0.60 14.59 19.89
CA ALA B 276 2.01 14.87 20.16
C ALA B 276 2.12 16.22 20.85
N THR B 277 3.23 16.42 21.56
CA THR B 277 3.54 17.74 22.11
C THR B 277 5.05 17.93 21.99
N ASP B 278 5.61 18.86 22.78
CA ASP B 278 6.98 19.32 22.56
C ASP B 278 7.96 18.71 23.55
N GLU B 279 9.21 18.58 23.08
CA GLU B 279 10.28 18.07 23.91
C GLU B 279 10.52 18.92 25.15
N VAL B 280 10.33 20.24 25.06
CA VAL B 280 10.56 21.04 26.26
C VAL B 280 9.53 20.69 27.33
N ILE B 281 8.30 20.38 26.94
CA ILE B 281 7.30 19.91 27.91
C ILE B 281 7.80 18.65 28.61
N LEU B 282 8.34 17.71 27.84
CA LEU B 282 8.85 16.48 28.45
C LEU B 282 9.96 16.79 29.44
N LYS B 283 10.93 17.59 29.03
CA LYS B 283 12.05 17.96 29.91
C LYS B 283 11.56 18.64 31.18
N ASN B 284 10.53 19.48 31.05
CA ASN B 284 9.98 20.17 32.20
C ASN B 284 9.22 19.24 33.13
N SER B 285 8.83 18.05 32.66
CA SER B 285 7.93 17.20 33.43
C SER B 285 8.58 15.96 34.01
N VAL B 286 9.61 15.43 33.34
CA VAL B 286 10.30 14.21 33.74
C VAL B 286 11.79 14.49 33.66
N GLU B 287 12.52 14.11 34.70
CA GLU B 287 13.96 14.36 34.73
C GLU B 287 14.68 13.63 33.59
N ARG B 288 15.26 14.41 32.67
CA ARG B 288 15.88 13.98 31.42
C ARG B 288 15.35 12.66 30.88
N ALA B 289 14.15 12.72 30.32
CA ALA B 289 13.52 11.61 29.63
C ALA B 289 13.79 11.71 28.14
N SER B 290 13.53 10.64 27.45
CA SER B 290 13.88 10.49 26.04
C SER B 290 12.66 10.73 25.17
N PRO B 291 12.77 11.50 24.07
CA PRO B 291 11.62 11.68 23.19
C PRO B 291 11.39 10.54 22.22
N TYR B 292 12.10 9.41 22.37
CA TYR B 292 12.06 8.34 21.39
C TYR B 292 11.12 7.21 21.79
N LEU B 293 10.36 7.39 22.87
CA LEU B 293 9.42 6.41 23.38
C LEU B 293 7.99 6.80 23.01
N ARG B 294 7.09 5.81 23.04
CA ARG B 294 5.66 6.11 23.06
C ARG B 294 5.21 6.20 24.50
N TYR B 295 4.73 7.37 24.91
CA TYR B 295 4.32 7.57 26.29
C TYR B 295 2.82 7.34 26.44
N TYR B 296 2.42 6.90 27.63
CA TYR B 296 1.02 6.71 28.01
C TYR B 296 0.73 7.62 29.18
N PHE B 297 -0.06 8.67 28.93
CA PHE B 297 -0.40 9.62 29.97
C PHE B 297 -1.50 9.01 30.82
N ARG B 298 -1.14 8.62 32.05
CA ARG B 298 -2.07 8.04 33.02
C ARG B 298 -2.77 6.80 32.47
N GLU B 299 -2.12 6.10 31.54
CA GLU B 299 -2.72 4.94 30.86
C GLU B 299 -4.04 5.26 30.17
N LEU B 300 -4.26 6.51 29.78
CA LEU B 300 -5.49 6.94 29.10
C LEU B 300 -5.30 7.31 27.63
N ILE B 301 -4.20 7.98 27.30
CA ILE B 301 -4.02 8.53 25.96
C ILE B 301 -2.53 8.45 25.64
N SER B 302 -2.21 8.13 24.39
CA SER B 302 -0.81 8.02 23.99
C SER B 302 -0.28 9.40 23.65
N VAL B 303 0.98 9.65 24.02
CA VAL B 303 1.62 10.93 23.79
C VAL B 303 3.00 10.67 23.19
N PHE B 304 3.31 11.38 22.10
CA PHE B 304 4.66 11.40 21.55
C PHE B 304 5.22 12.81 21.72
N PHE B 305 6.48 12.89 22.13
CA PHE B 305 7.17 14.16 22.26
C PHE B 305 8.04 14.34 21.04
N ARG B 306 7.82 15.43 20.31
CA ARG B 306 8.55 15.61 19.05
C ARG B 306 10.02 15.83 19.31
N ASP B 307 10.83 15.41 18.34
CA ASP B 307 12.26 15.71 18.37
C ASP B 307 12.42 17.18 17.99
N LYS B 308 12.68 18.02 19.00
CA LYS B 308 12.68 19.46 18.77
C LYS B 308 13.81 19.90 17.84
N THR B 309 15.03 19.37 18.01
CA THR B 309 16.12 19.90 17.20
C THR B 309 15.92 19.51 15.74
N LEU B 310 15.42 18.30 15.48
CA LEU B 310 15.20 17.90 14.09
C LEU B 310 14.10 18.74 13.46
N SER B 311 13.05 19.02 14.22
CA SER B 311 11.97 19.88 13.72
C SER B 311 12.47 21.30 13.46
N ASP B 312 13.30 21.82 14.36
CA ASP B 312 13.82 23.17 14.16
C ASP B 312 14.88 23.26 13.06
N LEU B 313 15.58 22.16 12.76
CA LEU B 313 16.50 22.21 11.62
C LEU B 313 15.76 22.57 10.34
N ILE B 314 14.65 21.86 10.07
CA ILE B 314 13.86 22.13 8.88
C ILE B 314 13.24 23.52 8.96
N GLY B 315 12.73 23.88 10.14
CA GLY B 315 12.00 25.13 10.26
C GLY B 315 12.85 26.38 10.28
N PHE B 316 14.10 26.29 10.75
CA PHE B 316 14.88 27.52 10.92
C PHE B 316 16.27 27.47 10.27
N SER B 317 16.90 26.30 10.15
CA SER B 317 18.28 26.29 9.70
C SER B 317 18.46 25.94 8.22
N TYR B 318 17.81 24.87 7.74
CA TYR B 318 18.18 24.29 6.45
C TYR B 318 17.86 25.18 5.24
N HIS B 319 17.02 26.21 5.40
CA HIS B 319 16.69 27.06 4.25
C HIS B 319 17.95 27.68 3.65
N ALA B 320 18.99 27.88 4.47
CA ALA B 320 20.21 28.52 4.02
C ALA B 320 21.30 27.52 3.62
N TRP B 321 21.00 26.22 3.60
CA TRP B 321 21.97 25.19 3.24
C TRP B 321 21.74 24.71 1.82
N ASN B 322 22.80 24.22 1.21
CA ASN B 322 22.68 23.40 0.01
C ASN B 322 21.79 22.20 0.30
N ALA B 323 20.83 21.93 -0.58
CA ALA B 323 19.84 20.87 -0.33
C ALA B 323 20.51 19.51 -0.12
N GLU B 324 21.49 19.16 -0.93
CA GLU B 324 22.19 17.89 -0.76
C GLU B 324 22.87 17.84 0.61
N ASP B 325 23.56 18.91 0.99
CA ASP B 325 24.24 18.93 2.29
C ASP B 325 23.24 18.83 3.44
N ALA B 326 22.09 19.48 3.32
CA ALA B 326 21.12 19.45 4.40
C ALA B 326 20.53 18.04 4.57
N VAL B 327 20.22 17.38 3.46
CA VAL B 327 19.67 16.04 3.54
C VAL B 327 20.70 15.08 4.12
N ARG B 328 21.98 15.20 3.72
CA ARG B 328 23.00 14.35 4.33
C ARG B 328 23.12 14.61 5.84
N ASP B 329 23.06 15.88 6.24
CA ASP B 329 23.11 16.23 7.65
C ASP B 329 21.97 15.57 8.41
N PHE B 330 20.76 15.65 7.85
CA PHE B 330 19.56 15.14 8.52
C PHE B 330 19.64 13.63 8.70
N ILE B 331 19.99 12.91 7.62
CA ILE B 331 20.13 11.44 7.71
C ILE B 331 21.23 11.09 8.71
N GLY B 332 22.31 11.86 8.72
CA GLY B 332 23.39 11.60 9.64
C GLY B 332 22.96 11.74 11.08
N ARG B 333 22.05 12.67 11.35
CA ARG B 333 21.51 12.78 12.70
C ARG B 333 20.64 11.58 13.06
N LEU B 334 19.83 11.10 12.13
CA LEU B 334 19.06 9.89 12.37
C LEU B 334 19.98 8.70 12.61
N LYS B 335 21.09 8.61 11.87
CA LYS B 335 22.05 7.54 12.12
C LYS B 335 22.58 7.59 13.54
N LYS B 336 22.88 8.80 14.04
CA LYS B 336 23.43 8.90 15.39
C LYS B 336 22.39 8.47 16.41
N ILE B 337 21.12 8.87 16.22
CA ILE B 337 20.03 8.39 17.08
C ILE B 337 19.97 6.87 17.05
N HIS B 338 19.96 6.31 15.82
CA HIS B 338 19.85 4.86 15.64
C HIS B 338 20.96 4.12 16.38
N GLU B 339 22.20 4.61 16.28
CA GLU B 339 23.31 3.98 17.00
C GLU B 339 23.24 4.22 18.50
N SER B 340 22.50 5.23 18.95
CA SER B 340 22.60 5.66 20.34
C SER B 340 21.77 4.81 21.28
N VAL B 341 20.85 3.99 20.77
CA VAL B 341 19.95 3.20 21.61
C VAL B 341 19.91 1.78 21.09
N ASP B 342 19.61 0.84 21.99
CA ASP B 342 19.53 -0.57 21.63
C ASP B 342 18.13 -1.00 21.20
N PHE B 343 17.13 -0.13 21.37
CA PHE B 343 15.76 -0.39 20.95
C PHE B 343 15.47 0.42 19.68
N GLN B 344 14.25 0.28 19.16
CA GLN B 344 13.86 0.99 17.94
C GLN B 344 13.23 2.32 18.32
N PRO B 345 13.89 3.44 18.04
CA PRO B 345 13.37 4.73 18.49
C PRO B 345 12.30 5.24 17.53
N VAL B 346 11.36 6.01 18.09
CA VAL B 346 10.34 6.68 17.29
C VAL B 346 10.69 8.16 17.32
N VAL B 347 10.87 8.75 16.13
CA VAL B 347 11.34 10.11 16.00
C VAL B 347 10.23 10.92 15.32
N PHE B 348 9.54 11.78 16.09
CA PHE B 348 8.48 12.65 15.57
C PHE B 348 9.12 13.95 15.10
N VAL B 349 8.89 14.31 13.84
CA VAL B 349 9.28 15.60 13.30
C VAL B 349 7.99 16.37 13.06
N VAL B 350 7.75 17.41 13.86
CA VAL B 350 6.46 18.11 13.84
C VAL B 350 6.73 19.60 13.76
N LEU B 351 6.13 20.27 12.77
CA LEU B 351 6.24 21.72 12.68
C LEU B 351 5.13 22.19 11.75
N ASP B 352 5.03 23.49 11.55
CA ASP B 352 4.07 23.99 10.57
C ASP B 352 4.44 23.43 9.21
N GLY B 353 3.43 23.10 8.40
CA GLY B 353 3.69 22.51 7.10
C GLY B 353 3.77 23.47 5.93
N GLU B 354 3.52 24.78 6.14
CA GLU B 354 3.45 25.72 5.03
C GLU B 354 4.28 26.99 5.22
N ASN B 355 4.99 27.15 6.34
CA ASN B 355 5.59 28.46 6.61
C ASN B 355 7.10 28.54 6.40
N CYS B 356 7.80 27.41 6.30
CA CYS B 356 9.25 27.44 6.11
C CYS B 356 9.70 27.42 4.65
N TRP B 357 8.90 26.87 3.73
CA TRP B 357 9.40 26.61 2.39
C TRP B 357 9.70 27.88 1.61
N GLU B 358 8.99 28.97 1.89
CA GLU B 358 9.21 30.22 1.15
C GLU B 358 10.63 30.76 1.34
N TYR B 359 11.33 30.36 2.39
CA TYR B 359 12.71 30.80 2.63
C TYR B 359 13.73 29.91 1.95
N TYR B 360 13.32 28.77 1.42
CA TYR B 360 14.22 27.85 0.73
C TYR B 360 14.31 28.18 -0.76
N GLU B 361 15.46 27.86 -1.35
CA GLU B 361 15.61 27.91 -2.80
C GLU B 361 14.49 27.10 -3.47
N GLU B 362 13.82 27.73 -4.45
CA GLU B 362 12.74 27.09 -5.21
C GLU B 362 11.70 26.44 -4.30
N ASN B 363 11.32 27.15 -3.24
CA ASN B 363 10.22 26.76 -2.38
C ASN B 363 10.44 25.40 -1.72
N GLY B 364 11.69 25.05 -1.45
CA GLY B 364 11.98 23.81 -0.78
C GLY B 364 11.86 22.57 -1.64
N ILE B 365 11.55 22.71 -2.93
CA ILE B 365 11.36 21.53 -3.77
C ILE B 365 12.64 20.72 -3.91
N PRO B 366 13.81 21.32 -4.21
CA PRO B 366 15.03 20.51 -4.22
C PRO B 366 15.28 19.81 -2.89
N PHE B 367 15.02 20.47 -1.77
CA PHE B 367 15.24 19.86 -0.46
C PHE B 367 14.29 18.69 -0.23
N LEU B 368 12.99 18.88 -0.45
CA LEU B 368 12.05 17.82 -0.15
C LEU B 368 12.16 16.67 -1.14
N GLU B 369 12.38 16.97 -2.43
CA GLU B 369 12.56 15.88 -3.38
C GLU B 369 13.79 15.05 -3.03
N LYS B 370 14.84 15.70 -2.53
CA LYS B 370 16.04 14.98 -2.13
C LYS B 370 15.79 14.17 -0.88
N LEU B 371 15.22 14.81 0.15
CA LEU B 371 14.92 14.11 1.40
C LEU B 371 14.03 12.91 1.17
N TYR B 372 12.93 13.10 0.43
CA TYR B 372 11.98 12.02 0.23
C TYR B 372 12.53 10.95 -0.71
N SER B 373 13.34 11.36 -1.71
CA SER B 373 14.01 10.39 -2.56
C SER B 373 14.95 9.50 -1.75
N THR B 374 15.67 10.10 -0.80
CA THR B 374 16.58 9.34 0.05
C THR B 374 15.81 8.43 0.97
N LEU B 375 14.81 8.97 1.68
CA LEU B 375 14.07 8.17 2.64
C LEU B 375 13.42 6.95 1.99
N GLU B 376 12.83 7.11 0.79
CA GLU B 376 12.13 5.97 0.18
C GLU B 376 13.06 4.80 -0.13
N LYS B 377 14.36 5.05 -0.23
CA LYS B 377 15.31 3.98 -0.49
C LYS B 377 15.89 3.39 0.79
N GLU B 378 15.82 4.07 1.94
CA GLU B 378 16.46 3.50 3.13
C GLU B 378 15.61 2.40 3.73
N GLU B 379 16.25 1.28 4.07
CA GLU B 379 15.57 0.19 4.73
C GLU B 379 15.67 0.26 6.25
N TRP B 380 16.70 0.94 6.77
CA TRP B 380 16.89 1.02 8.22
C TRP B 380 16.07 2.13 8.85
N ILE B 381 15.55 3.06 8.03
CA ILE B 381 14.53 4.03 8.45
C ILE B 381 13.21 3.56 7.88
N GLU B 382 12.18 3.53 8.72
CA GLU B 382 10.82 3.26 8.27
C GLU B 382 9.97 4.48 8.62
N THR B 383 9.47 5.20 7.61
CA THR B 383 8.49 6.26 7.91
C THR B 383 7.13 5.65 8.20
N LEU B 384 6.41 6.24 9.16
CA LEU B 384 5.16 5.69 9.66
C LEU B 384 4.02 6.68 9.50
N THR B 385 2.83 6.14 9.33
CA THR B 385 1.62 6.93 9.60
C THR B 385 1.43 7.13 11.10
N LEU B 386 0.59 8.10 11.46
CA LEU B 386 0.25 8.27 12.87
C LEU B 386 -0.36 7.00 13.44
N GLU B 387 -1.21 6.36 12.64
CA GLU B 387 -1.84 5.09 13.03
C GLU B 387 -0.79 4.01 13.27
N GLU B 388 0.20 3.91 12.39
CA GLU B 388 1.25 2.92 12.60
C GLU B 388 2.07 3.24 13.85
N ALA B 389 2.36 4.52 14.08
CA ALA B 389 3.12 4.92 15.27
C ALA B 389 2.35 4.56 16.54
N MET B 390 1.02 4.67 16.50
CA MET B 390 0.23 4.41 17.68
C MET B 390 0.15 2.92 17.99
N ARG B 391 0.16 2.07 16.97
CA ARG B 391 -0.07 0.65 17.20
C ARG B 391 1.20 -0.20 17.16
N LYS B 392 2.34 0.37 16.80
CA LYS B 392 3.57 -0.40 16.67
C LYS B 392 3.93 -1.07 17.99
N GLU B 393 4.14 -2.39 17.94
CA GLU B 393 4.39 -3.11 19.18
C GLU B 393 5.86 -3.18 19.56
N ASP B 394 6.78 -3.06 18.60
CA ASP B 394 8.20 -3.27 18.89
C ASP B 394 8.91 -1.96 19.23
N VAL B 395 8.30 -1.15 20.11
CA VAL B 395 8.84 0.15 20.50
C VAL B 395 8.84 0.20 22.02
N LYS B 396 9.68 1.08 22.57
CA LYS B 396 9.74 1.24 24.02
C LYS B 396 8.65 2.21 24.46
N THR B 397 8.05 1.91 25.61
CA THR B 397 6.96 2.71 26.14
C THR B 397 7.26 3.11 27.58
N GLU B 398 6.47 4.06 28.08
CA GLU B 398 6.64 4.52 29.44
C GLU B 398 5.35 5.22 29.85
N VAL B 399 4.94 5.03 31.11
CA VAL B 399 3.79 5.73 31.65
C VAL B 399 4.27 7.08 32.17
N ILE B 400 3.50 8.13 31.90
CA ILE B 400 3.78 9.44 32.46
C ILE B 400 2.55 9.89 33.24
N GLU B 401 2.77 10.42 34.44
CA GLU B 401 1.66 10.73 35.33
C GLU B 401 1.25 12.20 35.33
N SER B 402 2.14 13.10 34.93
CA SER B 402 1.82 14.51 34.99
C SER B 402 2.71 15.26 34.00
N VAL B 403 2.18 16.37 33.47
CA VAL B 403 2.98 17.27 32.65
C VAL B 403 2.84 18.67 33.25
N LYS B 404 3.88 19.49 33.07
CA LYS B 404 3.80 20.91 33.40
C LYS B 404 3.28 21.63 32.17
N ALA B 405 2.19 22.38 32.33
CA ALA B 405 1.51 22.97 31.18
C ALA B 405 2.44 23.92 30.41
N GLY B 406 2.31 23.92 29.10
CA GLY B 406 3.12 24.82 28.30
C GLY B 406 2.82 24.69 26.82
N THR B 407 3.72 25.24 26.01
CA THR B 407 3.65 25.21 24.56
C THR B 407 5.05 24.95 24.01
N TRP B 408 5.14 24.78 22.70
CA TRP B 408 6.46 24.63 22.09
C TRP B 408 7.22 25.95 21.97
N PHE B 409 6.71 27.04 22.55
CA PHE B 409 7.42 28.31 22.59
C PHE B 409 7.96 28.45 24.01
N ASP B 410 9.21 28.06 24.19
CA ASP B 410 9.92 28.11 25.47
C ASP B 410 9.23 27.28 26.56
N GLY B 411 8.32 26.38 26.19
CA GLY B 411 7.58 25.66 27.19
C GLY B 411 6.60 26.48 28.00
N ASN B 412 6.21 27.67 27.55
CA ASN B 412 5.35 28.51 28.36
C ASN B 412 4.35 29.23 27.45
N PHE B 413 3.54 30.10 28.08
CA PHE B 413 2.44 30.77 27.38
C PHE B 413 2.70 32.25 27.12
N LEU B 414 3.93 32.72 27.26
CA LEU B 414 4.20 34.16 27.21
C LEU B 414 3.99 34.77 25.84
N LYS B 415 3.94 33.97 24.78
CA LYS B 415 3.68 34.54 23.47
C LYS B 415 2.21 34.94 23.28
N TRP B 416 1.31 34.51 24.17
CA TRP B 416 -0.11 34.79 24.03
C TRP B 416 -0.74 35.47 25.25
N ILE B 417 -0.02 35.58 26.36
CA ILE B 417 -0.58 36.17 27.57
C ILE B 417 0.57 36.63 28.44
N GLY B 418 0.30 37.61 29.32
CA GLY B 418 1.27 37.99 30.33
C GLY B 418 1.89 39.38 30.19
N ASN B 419 1.74 40.04 29.06
CA ASN B 419 2.12 41.46 28.99
C ASN B 419 0.87 42.32 28.88
N LYS B 420 1.06 43.63 28.96
CA LYS B 420 -0.08 44.52 29.04
C LYS B 420 -0.96 44.42 27.79
N GLU B 421 -0.35 44.37 26.60
CA GLU B 421 -1.16 44.40 25.40
C GLU B 421 -1.85 43.06 25.16
N LYS B 422 -1.13 41.94 25.34
CA LYS B 422 -1.75 40.64 25.17
C LYS B 422 -2.87 40.43 26.19
N ASN B 423 -2.67 40.91 27.43
CA ASN B 423 -3.71 40.79 28.45
C ASN B 423 -4.95 41.59 28.08
N GLU B 424 -4.78 42.70 27.34
CA GLU B 424 -5.95 43.48 26.96
C GLU B 424 -6.86 42.68 26.04
N TYR B 425 -6.28 41.88 25.14
CA TYR B 425 -7.11 41.00 24.30
C TYR B 425 -7.88 40.01 25.15
N TRP B 426 -7.23 39.40 26.15
CA TRP B 426 -7.93 38.47 27.03
C TRP B 426 -9.05 39.18 27.80
N LYS B 427 -8.79 40.38 28.32
CA LYS B 427 -9.81 41.16 28.99
C LYS B 427 -11.00 41.42 28.08
N ILE B 428 -10.74 41.77 26.82
CA ILE B 428 -11.79 41.99 25.83
C ILE B 428 -12.60 40.72 25.62
N LEU B 429 -11.90 39.58 25.50
CA LEU B 429 -12.56 38.30 25.32
C LEU B 429 -13.42 37.92 26.52
N ILE B 430 -12.88 38.13 27.73
CA ILE B 430 -13.60 37.80 28.95
C ILE B 430 -14.88 38.60 29.05
N GLU B 431 -14.81 39.91 28.77
CA GLU B 431 -15.99 40.76 28.82
C GLU B 431 -17.00 40.38 27.75
N ALA B 432 -16.52 40.04 26.56
CA ALA B 432 -17.43 39.63 25.49
C ALA B 432 -18.05 38.28 25.79
N LYS B 433 -17.30 37.38 26.42
CA LYS B 433 -17.85 36.07 26.74
C LYS B 433 -19.03 36.17 27.69
N LYS B 434 -19.02 37.16 28.59
CA LYS B 434 -20.15 37.37 29.49
C LYS B 434 -21.43 37.67 28.73
N LYS B 435 -21.35 38.18 27.50
CA LYS B 435 -22.51 38.59 26.72
C LYS B 435 -22.58 37.88 25.38
N ALA B 436 -21.95 36.72 25.24
CA ALA B 436 -21.87 36.06 23.94
C ALA B 436 -23.19 35.39 23.59
N LYS B 437 -23.57 35.50 22.31
CA LYS B 437 -24.81 34.93 21.81
C LYS B 437 -24.61 33.84 20.77
N ASN B 438 -23.41 33.70 20.22
CA ASN B 438 -23.19 32.78 19.10
C ASN B 438 -21.73 32.35 19.10
N ASP B 439 -21.40 31.45 18.17
CA ASP B 439 -20.09 30.81 18.14
C ASP B 439 -18.98 31.68 17.54
N TYR B 440 -19.23 32.96 17.24
CA TYR B 440 -18.10 33.81 16.92
C TYR B 440 -17.22 34.06 18.14
N ILE B 441 -17.73 33.83 19.35
CA ILE B 441 -16.86 33.85 20.52
C ILE B 441 -15.78 32.78 20.39
N LEU B 442 -16.09 31.65 19.76
CA LEU B 442 -15.08 30.59 19.55
C LEU B 442 -14.04 31.04 18.53
N VAL B 443 -14.45 31.78 17.50
CA VAL B 443 -13.49 32.32 16.54
C VAL B 443 -12.50 33.22 17.25
N ALA B 444 -13.00 34.10 18.11
CA ALA B 444 -12.17 35.04 18.85
C ALA B 444 -11.23 34.37 19.83
N GLU B 445 -11.47 33.09 20.13
CA GLU B 445 -10.61 32.35 21.04
C GLU B 445 -9.39 31.75 20.35
N GLY B 446 -9.27 31.93 19.03
CA GLY B 446 -8.14 31.37 18.32
C GLY B 446 -6.83 31.98 18.79
N SER B 447 -5.77 31.19 18.72
CA SER B 447 -4.50 31.66 19.28
C SER B 447 -3.89 32.77 18.45
N ASP B 448 -4.22 32.85 17.16
CA ASP B 448 -3.50 33.76 16.27
C ASP B 448 -3.67 35.23 16.69
N TRP B 449 -4.87 35.62 17.13
CA TRP B 449 -5.08 37.03 17.49
C TRP B 449 -4.11 37.46 18.59
N PHE B 450 -3.91 36.60 19.59
CA PHE B 450 -3.05 36.92 20.73
C PHE B 450 -1.57 36.87 20.34
N TRP B 451 -1.21 35.99 19.40
CA TRP B 451 0.16 35.93 18.91
C TRP B 451 0.62 37.28 18.35
N TRP B 452 -0.20 37.90 17.50
CA TRP B 452 0.17 39.15 16.84
C TRP B 452 -0.03 40.37 17.72
N GLN B 453 -0.90 40.29 18.72
CA GLN B 453 -1.16 41.45 19.55
C GLN B 453 0.08 41.86 20.32
N GLY B 454 0.21 43.13 20.53
CA GLY B 454 1.26 43.65 21.34
C GLY B 454 2.60 43.16 20.98
N GLU B 455 2.96 43.45 19.75
CA GLU B 455 4.24 43.13 19.22
C GLU B 455 4.66 44.43 18.53
N GLU B 456 5.93 44.57 18.15
CA GLU B 456 6.42 45.73 17.39
C GLU B 456 5.43 45.86 16.22
N LYS B 457 5.17 47.04 15.67
CA LYS B 457 4.23 47.12 14.57
C LYS B 457 4.93 46.50 13.39
N ALA B 458 4.19 46.05 12.40
CA ALA B 458 4.72 45.44 11.18
C ALA B 458 3.61 45.46 10.19
N PRO B 459 3.91 45.44 8.92
CA PRO B 459 2.82 45.52 7.92
C PRO B 459 1.75 44.44 7.88
N PHE B 460 0.49 44.86 7.67
CA PHE B 460 -0.73 44.06 7.65
C PHE B 460 -1.13 43.56 9.03
N VAL B 461 -0.30 43.71 10.06
CA VAL B 461 -0.64 43.14 11.37
C VAL B 461 -1.86 43.82 11.96
N GLU B 462 -2.12 45.07 11.59
CA GLU B 462 -3.35 45.77 11.98
C GLU B 462 -4.60 45.03 11.54
N VAL B 463 -4.51 44.21 10.49
CA VAL B 463 -5.69 43.52 9.99
C VAL B 463 -6.12 42.41 10.94
N PHE B 464 -5.15 41.78 11.65
CA PHE B 464 -5.52 40.77 12.63
C PHE B 464 -6.32 41.37 13.77
N ASP B 465 -5.97 42.59 14.19
CA ASP B 465 -6.73 43.28 15.23
C ASP B 465 -8.15 43.61 14.76
N LYS B 466 -8.28 44.12 13.53
CA LYS B 466 -9.62 44.39 13.00
C LYS B 466 -10.46 43.12 12.94
N LEU B 467 -9.88 42.00 12.51
CA LEU B 467 -10.60 40.73 12.50
C LEU B 467 -11.01 40.30 13.91
N PHE B 468 -10.06 40.26 14.83
CA PHE B 468 -10.37 39.86 16.21
C PHE B 468 -11.51 40.69 16.78
N ARG B 469 -11.42 42.01 16.64
CA ARG B 469 -12.45 42.85 17.22
C ARG B 469 -13.76 42.72 16.46
N SER B 470 -13.71 42.45 15.16
CA SER B 470 -14.93 42.13 14.42
C SER B 470 -15.60 40.89 14.98
N PHE B 471 -14.83 39.85 15.25
CA PHE B 471 -15.41 38.62 15.78
C PHE B 471 -15.96 38.82 17.18
N VAL B 472 -15.24 39.56 18.03
CA VAL B 472 -15.73 39.85 19.37
C VAL B 472 -17.04 40.64 19.30
N ARG B 473 -17.13 41.60 18.37
CA ARG B 473 -18.36 42.37 18.26
C ARG B 473 -19.51 41.48 17.77
N ARG B 474 -19.25 40.63 16.78
CA ARG B 474 -20.31 39.81 16.20
C ARG B 474 -20.80 38.76 17.19
N ALA B 475 -19.92 38.28 18.06
CA ALA B 475 -20.30 37.27 19.05
C ALA B 475 -21.33 37.79 20.04
N GLN B 476 -21.49 39.11 20.15
CA GLN B 476 -22.44 39.67 21.09
C GLN B 476 -23.73 40.12 20.42
N GLU B 477 -23.85 39.92 19.11
CA GLU B 477 -24.99 40.45 18.38
C GLU B 477 -25.81 39.32 17.75
C1 GLC C . 4.68 -27.10 -13.60
C2 GLC C . 3.18 -27.01 -13.46
C3 GLC C . 2.73 -27.49 -12.07
C4 GLC C . 3.29 -28.89 -11.77
C5 GLC C . 4.76 -29.06 -12.25
C6 GLC C . 5.21 -30.51 -12.36
O1 GLC C . 5.37 -26.20 -12.78
O2 GLC C . 2.76 -25.70 -13.76
O3 GLC C . 1.33 -27.51 -11.98
O4 GLC C . 3.23 -29.11 -10.40
O5 GLC C . 5.05 -28.44 -13.45
O6 GLC C . 4.44 -31.14 -13.32
C1 GLC C . 2.17 -29.86 -9.94
C2 GLC C . 1.88 -29.36 -8.54
C3 GLC C . 3.05 -29.67 -7.62
C4 GLC C . 3.32 -31.16 -7.61
C5 GLC C . 3.54 -31.61 -9.07
C6 GLC C . 3.62 -33.13 -9.19
O2 GLC C . 1.64 -27.96 -8.57
O3 GLC C . 2.72 -29.22 -6.33
O4 GLC C . 4.51 -31.37 -6.88
O5 GLC C . 2.46 -31.25 -9.91
O6 GLC C . 3.83 -33.45 -10.55
C1 GLC C . 4.37 -32.37 -5.82
C2 GLC C . 4.67 -31.70 -4.49
C3 GLC C . 6.12 -31.22 -4.46
C4 GLC C . 7.05 -32.41 -4.65
C5 GLC C . 6.65 -33.12 -5.94
C6 GLC C . 7.44 -34.45 -6.09
O2 GLC C . 3.76 -30.63 -4.32
O3 GLC C . 6.44 -30.57 -3.24
O4 GLC C . 8.38 -31.95 -4.74
O5 GLC C . 5.28 -33.46 -5.97
O6 GLC C . 7.09 -35.30 -4.99
C1 GLC C . 9.20 -32.58 -3.72
C2 GLC C . 9.93 -31.48 -2.94
C3 GLC C . 10.87 -30.71 -3.87
C4 GLC C . 11.81 -31.68 -4.60
C5 GLC C . 11.00 -32.81 -5.23
C6 GLC C . 11.94 -33.84 -5.88
O2 GLC C . 8.98 -30.63 -2.33
O3 GLC C . 11.58 -29.74 -3.14
O4 GLC C . 12.49 -31.07 -5.66
O5 GLC C . 10.16 -33.44 -4.29
O6 GLC C . 12.53 -34.63 -4.87
C1 GLC C . 13.78 -30.55 -5.43
C2 GLC C . 14.12 -29.39 -6.36
C3 GLC C . 14.37 -29.79 -7.79
C4 GLC C . 15.31 -30.95 -7.94
C5 GLC C . 14.76 -32.08 -7.03
C6 GLC C . 15.56 -33.39 -6.93
O2 GLC C . 12.93 -28.73 -6.60
O3 GLC C . 14.66 -28.67 -8.65
O4 GLC C . 15.29 -31.26 -9.32
O5 GLC C . 14.70 -31.58 -5.72
O6 GLC C . 16.39 -33.50 -8.04
C1 GLC D . 16.90 -19.49 -10.65
C2 GLC D . 16.99 -18.53 -11.85
C3 GLC D . 15.83 -18.66 -12.84
C4 GLC D . 15.51 -20.11 -13.11
C5 GLC D . 15.24 -20.80 -11.81
C6 GLC D . 14.86 -22.24 -12.08
O1 GLC D . 16.04 -18.95 -9.68
O2 GLC D . 17.05 -17.19 -11.38
O3 GLC D . 16.18 -18.06 -14.08
O4 GLC D . 14.34 -20.11 -13.91
O5 GLC D . 16.41 -20.77 -11.02
O6 GLC D . 16.05 -22.97 -12.31
C1 GLC D . 14.48 -20.63 -15.25
C2 GLC D . 13.70 -19.73 -16.18
C3 GLC D . 12.25 -19.75 -15.68
C4 GLC D . 11.68 -21.17 -15.71
C5 GLC D . 12.65 -22.12 -14.98
C6 GLC D . 12.26 -23.56 -15.26
O2 GLC D . 14.21 -18.42 -16.05
O3 GLC D . 11.42 -18.84 -16.39
O4 GLC D . 10.49 -21.13 -14.95
O5 GLC D . 14.00 -21.94 -15.37
O6 GLC D . 12.90 -24.41 -14.32
C1 GLC D . 9.30 -21.51 -15.68
C2 GLC D . 8.18 -20.69 -15.08
C3 GLC D . 8.02 -21.05 -13.61
C4 GLC D . 7.83 -22.56 -13.39
C5 GLC D . 8.88 -23.34 -14.19
C6 GLC D . 8.66 -24.85 -14.19
O2 GLC D . 8.46 -19.31 -15.26
O3 GLC D . 6.92 -20.35 -13.02
O4 GLC D . 8.06 -22.76 -12.00
O5 GLC D . 8.99 -22.89 -15.54
O6 GLC D . 7.34 -25.13 -14.65
C1 GLC D . 7.16 -23.65 -11.33
C2 GLC D . 6.56 -22.92 -10.13
C3 GLC D . 7.64 -22.57 -9.09
C4 GLC D . 8.47 -23.82 -8.75
C5 GLC D . 8.93 -24.52 -10.02
C6 GLC D . 9.61 -25.85 -9.70
O2 GLC D . 5.90 -21.74 -10.58
O3 GLC D . 7.09 -22.03 -7.91
O4 GLC D . 9.60 -23.43 -8.02
O5 GLC D . 7.85 -24.80 -10.89
O6 GLC D . 10.06 -26.51 -10.88
C1 GLC D . 9.59 -23.89 -6.65
C2 GLC D . 9.92 -22.70 -5.75
C3 GLC D . 11.36 -22.23 -5.96
C4 GLC D . 12.34 -23.39 -5.79
C5 GLC D . 11.90 -24.57 -6.65
C6 GLC D . 12.73 -25.81 -6.33
O2 GLC D . 9.06 -21.62 -6.09
O3 GLC D . 11.70 -21.22 -5.04
O4 GLC D . 13.60 -22.93 -6.24
O5 GLC D . 10.53 -24.95 -6.50
O6 GLC D . 12.85 -26.49 -7.56
C1 GLC D . 14.50 -22.53 -5.18
C2 GLC D . 15.11 -21.18 -5.53
C3 GLC D . 16.01 -21.30 -6.76
C4 GLC D . 17.05 -22.39 -6.57
C5 GLC D . 16.31 -23.68 -6.18
C6 GLC D . 17.28 -24.85 -5.96
O2 GLC D . 14.11 -20.25 -5.87
O3 GLC D . 16.63 -20.03 -6.98
O4 GLC D . 17.76 -22.54 -7.79
O5 GLC D . 15.54 -23.47 -5.00
O6 GLC D . 16.95 -25.87 -6.88
C1 GLC E . 2.15 28.71 15.02
C2 GLC E . 1.16 27.77 14.33
C3 GLC E . 0.77 28.28 12.96
C4 GLC E . 0.36 29.77 12.97
C5 GLC E . 1.33 30.58 13.84
C6 GLC E . 0.82 31.99 14.15
O1 GLC E . 3.40 28.61 14.46
O2 GLC E . 1.54 26.41 14.41
O3 GLC E . -0.18 27.50 12.36
O4 GLC E . 0.49 30.29 11.68
O5 GLC E . 1.63 29.99 15.05
O6 GLC E . -0.32 31.94 14.92
C1 GLC E . -0.67 30.35 10.92
C2 GLC E . -0.34 30.12 9.45
C3 GLC E . 0.57 31.20 8.88
C4 GLC E . -0.11 32.53 9.09
C5 GLC E . -0.49 32.68 10.57
C6 GLC E . -1.28 33.98 10.80
O2 GLC E . 0.28 28.85 9.27
O3 GLC E . 0.81 30.96 7.51
O4 GLC E . 0.83 33.53 8.74
O5 GLC E . -1.29 31.61 11.07
O6 GLC E . -1.74 33.94 12.12
C1 GLC E . 0.31 34.46 7.76
C2 GLC E . 1.23 34.43 6.55
C3 GLC E . 2.62 34.90 6.95
C4 GLC E . 2.52 36.32 7.50
C5 GLC E . 1.54 36.33 8.67
C6 GLC E . 1.29 37.74 9.21
O2 GLC E . 1.22 33.13 6.01
O3 GLC E . 3.50 34.84 5.84
O4 GLC E . 3.82 36.72 7.90
O5 GLC E . 0.28 35.80 8.28
O6 GLC E . 0.75 38.54 8.18
C1 GLC E . 4.21 37.91 7.20
C2 GLC E . 5.57 37.71 6.60
C3 GLC E . 6.57 37.38 7.69
C4 GLC E . 6.57 38.47 8.78
C5 GLC E . 5.12 38.71 9.22
C6 GLC E . 4.95 39.86 10.22
O2 GLC E . 5.50 36.66 5.68
O3 GLC E . 7.82 37.28 7.07
O4 GLC E . 7.41 38.11 9.86
O5 GLC E . 4.31 39.00 8.09
O6 GLC E . 5.57 41.03 9.70
C1 GLC E . 8.27 39.22 10.23
C2 GLC E . 9.70 38.76 10.04
C3 GLC E . 9.92 37.53 10.91
C4 GLC E . 9.65 37.84 12.37
C5 GLC E . 8.34 38.59 12.57
C6 GLC E . 8.31 39.18 13.99
O2 GLC E . 9.87 38.44 8.69
O3 GLC E . 11.24 37.06 10.77
O4 GLC E . 9.62 36.62 13.07
O5 GLC E . 8.15 39.62 11.60
O6 GLC E . 7.26 40.12 14.10
C1 GLC F . 16.40 30.62 15.51
C2 GLC F . 16.86 29.89 16.76
C3 GLC F . 15.76 29.04 17.36
C4 GLC F . 14.50 29.86 17.55
C5 GLC F . 14.13 30.51 16.24
C6 GLC F . 12.91 31.39 16.41
O1 GLC F . 16.10 29.67 14.51
O2 GLC F . 17.95 29.03 16.44
O3 GLC F . 16.20 28.51 18.60
O4 GLC F . 13.50 28.94 17.93
O5 GLC F . 15.19 31.33 15.77
O6 GLC F . 13.27 32.47 17.27
C1 GLC F . 12.98 29.03 19.29
C2 GLC F . 12.76 27.65 19.84
C3 GLC F . 11.82 26.94 18.87
C4 GLC F . 10.51 27.69 18.71
C5 GLC F . 10.77 29.19 18.49
C6 GLC F . 9.48 29.98 18.66
O2 GLC F . 13.99 26.97 19.94
O3 GLC F . 11.56 25.61 19.25
O4 GLC F . 9.85 27.19 17.55
O5 GLC F . 11.75 29.72 19.37
O6 GLC F . 9.70 31.30 18.22
C1 GLC F . 8.60 26.57 17.87
C2 GLC F . 8.38 25.43 16.87
C3 GLC F . 8.35 26.00 15.47
C4 GLC F . 7.35 27.13 15.32
C5 GLC F . 7.49 28.13 16.49
C6 GLC F . 6.40 29.21 16.53
O2 GLC F . 9.46 24.53 16.93
O3 GLC F . 8.06 24.96 14.57
O4 GLC F . 7.69 27.77 14.09
O5 GLC F . 7.53 27.48 17.75
O6 GLC F . 5.14 28.60 16.40
C1 GLC F . 6.60 28.02 13.20
C2 GLC F . 6.89 27.33 11.87
C3 GLC F . 8.11 27.95 11.21
C4 GLC F . 8.01 29.49 11.22
C5 GLC F . 7.65 30.02 12.61
C6 GLC F . 7.47 31.54 12.60
O2 GLC F . 7.08 25.92 12.07
O3 GLC F . 8.24 27.50 9.87
O4 GLC F . 9.26 30.02 10.87
O5 GLC F . 6.44 29.43 13.03
O6 GLC F . 7.06 31.94 13.89
C1 GLC F . 9.22 30.67 9.60
C2 GLC F . 10.39 30.17 8.78
C3 GLC F . 11.72 30.62 9.40
C4 GLC F . 11.74 32.12 9.72
C5 GLC F . 10.47 32.47 10.49
C6 GLC F . 10.36 33.97 10.73
O2 GLC F . 10.35 28.75 8.78
O3 GLC F . 12.80 30.29 8.56
O4 GLC F . 12.88 32.44 10.50
O5 GLC F . 9.33 32.07 9.78
O6 GLC F . 10.17 34.60 9.47
C1 GLC F . 14.02 32.88 9.76
C2 GLC F . 15.27 32.12 10.23
C3 GLC F . 15.52 32.38 11.71
C4 GLC F . 15.61 33.88 11.99
C5 GLC F . 14.44 34.61 11.33
C6 GLC F . 14.66 36.11 11.42
O2 GLC F . 15.07 30.75 9.99
O3 GLC F . 16.71 31.75 12.13
O4 GLC F . 15.60 34.13 13.38
O5 GLC F . 14.28 34.26 9.97
O6 GLC F . 13.79 36.71 10.47
#